data_7F52
#
_entry.id   7F52
#
_cell.length_a   57.038
_cell.length_b   192.313
_cell.length_c   105.749
_cell.angle_alpha   90.000
_cell.angle_beta   90.810
_cell.angle_gamma   90.000
#
_symmetry.space_group_name_H-M   'P 1 21 1'
#
loop_
_entity.id
_entity.type
_entity.pdbx_description
1 polymer 'Non-structural protein 2'
2 water water
#
_entity_poly.entity_id   1
_entity_poly.type   'polypeptide(L)'
_entity_poly.pdbx_seq_one_letter_code
;MASSLKQGVSPKLRDVILVSKDIPEQLCDALFFYTSHNPKDYADAFAVRQKFDRNLQTGKQFKFETVCGLFLLKGVDKIT
PGVPAKVLKATSKLADLEDIFGVSPFARKYRELLKTACQWSLTVEALDVRAQTLDEIFDPTEILWLQVAAKIHVSSMAMR
RLVGEVTAKVMDALGSNLSALFQIFKQQIVRIFQKALAIFENVSELPQRIAALKMAFAKCARSITVVVMERTLVVREFAG
TCLASINGAVAKFFEELPNGFMGAKIFTTLAFFKEAAVRIVENIPNAPRGTKGFEVVGNAKGTQVVVRGMRNDLTLLDQK
ADIPVESEGWSAILGGHLCYVFRSGDRFYAAPLSGNFALHDVHCCERVVCLSDGVTPEINDGLILAAIYSSFSVAELVAA
IKKGEPFKFLGHKFVYAKDAAVSFTLAKAATIADVLRLFQSARVKVEDVWSSLTEKSFEFWRLAYGKVRNLEEFVKTCFC
KAQMAIVILATVLGEGIWHLVSQVIYKVGGLFTKVVDFCEKYWKGFCAQLKRAKLIVTETLCVLKGVAQHCFQLLLDAIQ
FMYKSFRKCALGRIHGDLLFWKGGVHKIIQEGDEIWFDAIDSVDVEDLGVVQEKSIDFEVCDDVTLPENQPGHMVQIEDD
GKNYMFFRFKKDENIYYTPMSQLGAINVVCKAG
;
_entity_poly.pdbx_strand_id   A,B
#
# COMPACT_ATOMS: atom_id res chain seq x y z
N LEU A 13 35.61 -41.98 4.06
CA LEU A 13 36.17 -42.43 2.79
C LEU A 13 36.90 -41.33 2.04
N ARG A 14 36.13 -40.40 1.48
CA ARG A 14 36.62 -39.32 0.63
C ARG A 14 37.84 -38.61 1.20
N ASP A 15 38.82 -38.31 0.35
CA ASP A 15 40.00 -37.64 0.87
C ASP A 15 40.08 -36.16 0.53
N VAL A 16 40.40 -35.41 1.58
CA VAL A 16 40.64 -33.99 1.55
C VAL A 16 41.80 -33.56 0.64
N ILE A 17 41.52 -32.64 -0.29
CA ILE A 17 42.58 -32.02 -1.08
C ILE A 17 43.03 -30.73 -0.42
N LEU A 18 44.34 -30.61 -0.17
CA LEU A 18 44.86 -29.40 0.47
C LEU A 18 45.04 -28.26 -0.53
N VAL A 19 44.83 -27.04 -0.05
CA VAL A 19 45.00 -25.82 -0.85
C VAL A 19 45.56 -24.70 0.03
N SER A 20 46.53 -23.94 -0.50
CA SER A 20 47.21 -22.91 0.29
C SER A 20 46.41 -21.61 0.32
N LYS A 21 46.51 -20.88 1.43
CA LYS A 21 45.77 -19.64 1.65
C LYS A 21 46.87 -19.22 0.69
N ASP A 22 46.78 -18.02 0.14
CA ASP A 22 47.86 -17.51 -0.68
C ASP A 22 48.16 -17.96 -2.09
N ILE A 23 47.27 -18.78 -2.64
CA ILE A 23 47.26 -19.09 -4.06
C ILE A 23 46.89 -17.81 -4.81
N PRO A 24 47.40 -17.65 -6.05
CA PRO A 24 47.15 -16.41 -6.79
C PRO A 24 45.72 -16.34 -7.31
N GLU A 25 45.26 -15.11 -7.59
CA GLU A 25 43.93 -14.86 -8.10
C GLU A 25 43.52 -15.78 -9.25
N GLN A 26 44.41 -15.95 -10.23
CA GLN A 26 44.08 -16.78 -11.41
C GLN A 26 43.96 -18.25 -11.05
N LEU A 27 44.77 -18.69 -10.11
CA LEU A 27 44.70 -20.08 -9.66
C LEU A 27 43.37 -20.29 -8.93
N CYS A 28 43.06 -19.38 -8.02
CA CYS A 28 41.79 -19.45 -7.30
C CYS A 28 40.60 -19.50 -8.24
N ASP A 29 40.59 -18.65 -9.26
CA ASP A 29 39.53 -18.70 -10.26
C ASP A 29 39.47 -20.09 -10.89
N ALA A 30 40.59 -20.49 -11.50
CA ALA A 30 40.75 -21.79 -12.13
C ALA A 30 40.22 -22.89 -11.23
N LEU A 31 40.65 -22.87 -9.97
CA LEU A 31 40.17 -23.82 -9.00
C LEU A 31 38.66 -23.74 -8.96
N PHE A 32 38.17 -22.54 -8.65
CA PHE A 32 36.73 -22.35 -8.46
C PHE A 32 35.93 -22.73 -9.70
N PHE A 33 36.52 -22.60 -10.89
CA PHE A 33 35.74 -22.77 -12.10
C PHE A 33 35.46 -24.23 -12.41
N TYR A 34 35.80 -25.11 -11.46
CA TYR A 34 35.42 -26.50 -11.57
C TYR A 34 33.97 -26.69 -11.08
N THR A 35 33.50 -25.75 -10.27
CA THR A 35 32.15 -25.74 -9.69
C THR A 35 31.04 -26.11 -10.68
N SER A 36 30.02 -26.81 -10.21
CA SER A 36 28.89 -27.11 -11.08
C SER A 36 27.67 -26.30 -10.65
N HIS A 37 27.88 -25.35 -9.75
CA HIS A 37 26.77 -24.51 -9.35
C HIS A 37 26.29 -23.68 -10.52
N ASN A 38 24.97 -23.61 -10.67
CA ASN A 38 24.36 -22.84 -11.74
C ASN A 38 23.73 -21.57 -11.16
N PRO A 39 24.31 -20.40 -11.47
CA PRO A 39 23.75 -19.13 -10.99
C PRO A 39 22.58 -18.64 -11.83
N LYS A 40 21.55 -18.16 -11.13
CA LYS A 40 20.36 -17.55 -11.72
C LYS A 40 20.61 -16.11 -12.11
N ASP A 41 21.52 -15.45 -11.39
CA ASP A 41 21.76 -14.01 -11.59
C ASP A 41 23.08 -13.57 -10.94
N TYR A 42 23.50 -12.33 -11.21
CA TYR A 42 24.75 -11.83 -10.65
C TYR A 42 24.88 -12.00 -9.15
N ALA A 43 23.79 -11.79 -8.42
CA ALA A 43 23.86 -11.70 -6.96
C ALA A 43 24.15 -13.05 -6.33
N ASP A 44 23.49 -14.09 -6.80
CA ASP A 44 23.75 -15.42 -6.29
C ASP A 44 25.13 -15.91 -6.76
N ALA A 45 25.51 -15.57 -8.00
CA ALA A 45 26.86 -15.92 -8.48
C ALA A 45 27.88 -15.27 -7.57
N PHE A 46 27.68 -13.99 -7.32
CA PHE A 46 28.55 -13.25 -6.43
C PHE A 46 28.61 -13.90 -5.06
N ALA A 47 27.44 -14.27 -4.53
CA ALA A 47 27.30 -14.83 -3.19
C ALA A 47 27.97 -16.19 -3.00
N VAL A 48 27.73 -17.09 -3.94
CA VAL A 48 28.37 -18.38 -3.93
C VAL A 48 29.90 -18.24 -3.92
N ARG A 49 30.45 -17.48 -4.87
CA ARG A 49 31.90 -17.31 -4.97
C ARG A 49 32.51 -16.74 -3.69
N GLN A 50 31.80 -15.90 -2.95
CA GLN A 50 32.47 -15.38 -1.77
C GLN A 50 32.26 -16.31 -0.58
N LYS A 51 31.33 -17.24 -0.72
CA LYS A 51 31.20 -18.32 0.27
C LYS A 51 32.40 -19.24 0.12
N PHE A 52 32.65 -19.65 -1.12
CA PHE A 52 33.82 -20.45 -1.46
C PHE A 52 35.11 -19.76 -1.06
N ASP A 53 35.16 -18.43 -1.22
CA ASP A 53 36.35 -17.66 -0.86
C ASP A 53 36.57 -17.75 0.63
N ARG A 54 35.48 -17.64 1.38
CA ARG A 54 35.54 -17.61 2.84
C ARG A 54 35.90 -18.98 3.40
N ASN A 55 35.46 -20.03 2.72
CA ASN A 55 35.70 -21.41 3.15
C ASN A 55 37.19 -21.79 3.14
N LEU A 56 37.89 -21.46 2.05
CA LEU A 56 39.33 -21.64 1.99
C LEU A 56 40.12 -20.95 3.10
N GLN A 57 39.60 -19.83 3.58
CA GLN A 57 40.36 -18.97 4.48
C GLN A 57 40.03 -19.35 5.91
N THR A 58 39.15 -20.22 6.17
CA THR A 58 38.71 -20.49 7.54
C THR A 58 39.15 -21.94 7.45
N GLY A 59 39.48 -22.50 8.61
CA GLY A 59 40.09 -23.80 8.72
C GLY A 59 39.60 -25.18 8.33
N LYS A 60 38.39 -25.53 8.75
CA LYS A 60 37.84 -26.88 8.53
C LYS A 60 37.28 -27.14 7.13
N GLN A 61 37.72 -28.25 6.53
CA GLN A 61 37.27 -28.60 5.20
C GLN A 61 35.89 -28.88 4.66
N PHE A 62 35.48 -28.07 3.68
CA PHE A 62 34.17 -28.17 3.10
C PHE A 62 33.98 -28.87 1.78
N LYS A 63 32.73 -29.02 1.36
CA LYS A 63 32.43 -29.74 0.15
C LYS A 63 32.39 -28.82 -1.06
N PHE A 64 32.94 -29.28 -2.18
CA PHE A 64 32.90 -28.51 -3.42
C PHE A 64 32.18 -29.55 -4.27
N GLU A 65 31.34 -29.09 -5.20
CA GLU A 65 30.56 -30.03 -5.98
C GLU A 65 31.03 -29.39 -7.28
N THR A 66 31.53 -30.26 -8.17
CA THR A 66 32.15 -29.84 -9.41
C THR A 66 31.57 -30.65 -10.56
N VAL A 67 31.82 -30.21 -11.78
CA VAL A 67 31.37 -30.94 -12.95
C VAL A 67 32.05 -32.30 -13.15
N CYS A 68 32.94 -32.66 -12.23
CA CYS A 68 33.57 -33.98 -12.25
C CYS A 68 33.25 -34.79 -11.01
N GLY A 69 32.27 -34.34 -10.23
CA GLY A 69 31.89 -35.02 -9.00
C GLY A 69 32.31 -34.26 -7.75
N LEU A 70 31.87 -34.74 -6.58
CA LEU A 70 32.15 -34.08 -5.32
C LEU A 70 33.61 -34.23 -4.88
N PHE A 71 34.13 -33.21 -4.19
CA PHE A 71 35.46 -33.26 -3.62
C PHE A 71 35.47 -32.62 -2.24
N LEU A 72 36.65 -32.53 -1.64
CA LEU A 72 36.78 -31.92 -0.32
C LEU A 72 38.02 -31.05 -0.29
N LEU A 73 37.92 -29.88 0.33
CA LEU A 73 39.02 -28.92 0.29
C LEU A 73 39.35 -28.39 1.67
N LYS A 74 40.64 -28.26 1.94
CA LYS A 74 41.14 -27.83 3.24
C LYS A 74 42.11 -26.66 3.05
N GLY A 75 41.79 -25.53 3.66
CA GLY A 75 42.66 -24.38 3.54
C GLY A 75 43.85 -24.63 4.45
N VAL A 76 45.05 -24.55 3.88
CA VAL A 76 46.27 -24.75 4.67
C VAL A 76 47.46 -23.80 4.66
N ASP A 77 47.38 -22.82 5.57
CA ASP A 77 48.40 -21.77 5.74
C ASP A 77 49.66 -22.24 6.47
N LYS A 78 49.47 -23.16 7.42
CA LYS A 78 50.57 -23.76 8.23
C LYS A 78 50.99 -24.96 7.38
N ILE A 79 51.89 -24.75 6.41
CA ILE A 79 52.31 -25.84 5.51
C ILE A 79 53.67 -26.27 6.03
N THR A 80 53.71 -27.36 6.79
CA THR A 80 54.99 -27.92 7.32
C THR A 80 55.28 -29.13 6.44
N PRO A 81 56.48 -29.73 6.51
CA PRO A 81 56.79 -30.94 5.73
C PRO A 81 55.71 -31.99 6.03
N GLY A 82 55.58 -32.35 7.31
CA GLY A 82 54.57 -33.30 7.82
C GLY A 82 54.30 -34.52 6.95
N VAL A 83 53.03 -34.74 6.62
CA VAL A 83 52.60 -35.93 5.81
C VAL A 83 52.64 -35.54 4.33
N PRO A 84 52.46 -36.51 3.40
CA PRO A 84 52.44 -36.28 1.97
C PRO A 84 51.04 -36.60 1.42
N ALA A 85 50.28 -35.58 1.03
CA ALA A 85 48.91 -35.80 0.49
C ALA A 85 48.75 -35.00 -0.79
N LYS A 86 47.50 -34.87 -1.27
CA LYS A 86 47.24 -34.03 -2.46
C LYS A 86 47.31 -32.57 -1.99
N VAL A 87 48.30 -31.82 -2.45
CA VAL A 87 48.44 -30.41 -1.97
C VAL A 87 48.38 -29.46 -3.17
N LEU A 88 48.21 -28.17 -2.90
CA LEU A 88 48.15 -27.15 -3.95
C LEU A 88 48.83 -25.94 -3.31
N LYS A 89 49.37 -25.02 -4.11
CA LYS A 89 50.06 -23.84 -3.56
C LYS A 89 50.37 -22.97 -4.78
N ALA A 90 50.76 -21.70 -4.56
CA ALA A 90 50.75 -20.63 -5.56
C ALA A 90 51.35 -20.97 -6.92
N THR A 91 52.29 -21.89 -6.96
CA THR A 91 52.97 -22.14 -8.22
C THR A 91 52.34 -23.23 -9.08
N SER A 92 51.18 -23.70 -8.64
CA SER A 92 50.44 -24.71 -9.39
C SER A 92 49.79 -24.10 -10.63
N LYS A 93 49.48 -24.93 -11.60
CA LYS A 93 48.82 -24.47 -12.81
C LYS A 93 47.66 -25.38 -13.14
N LEU A 94 46.89 -25.04 -14.17
CA LEU A 94 45.73 -25.82 -14.59
C LEU A 94 46.05 -27.31 -14.67
N ALA A 95 47.25 -27.63 -15.15
CA ALA A 95 47.70 -29.01 -15.26
C ALA A 95 47.79 -29.69 -13.89
N ASP A 96 48.36 -29.00 -12.89
CA ASP A 96 48.38 -29.51 -11.52
C ASP A 96 47.00 -29.96 -11.09
N LEU A 97 46.05 -29.02 -11.18
CA LEU A 97 44.67 -29.24 -10.77
C LEU A 97 44.01 -30.37 -11.57
N GLU A 98 44.35 -30.48 -12.85
CA GLU A 98 43.79 -31.54 -13.67
C GLU A 98 44.15 -32.88 -13.02
N ASP A 99 45.37 -33.00 -12.52
CA ASP A 99 45.80 -34.21 -11.81
C ASP A 99 44.91 -34.65 -10.66
N ILE A 100 44.50 -33.67 -9.86
CA ILE A 100 43.63 -33.92 -8.70
C ILE A 100 42.25 -34.25 -9.22
N PHE A 101 41.65 -33.30 -9.94
CA PHE A 101 40.26 -33.41 -10.31
C PHE A 101 39.98 -34.05 -11.67
N GLY A 102 40.51 -33.43 -12.73
CA GLY A 102 40.23 -33.87 -14.08
C GLY A 102 40.11 -32.71 -15.05
N VAL A 103 39.15 -32.82 -15.98
CA VAL A 103 38.97 -31.79 -16.98
C VAL A 103 37.88 -30.85 -16.46
N SER A 104 38.05 -29.56 -16.73
CA SER A 104 36.96 -28.61 -16.58
C SER A 104 36.97 -27.90 -17.93
N PRO A 105 35.93 -28.13 -18.74
CA PRO A 105 35.83 -27.42 -20.03
C PRO A 105 35.84 -25.90 -19.83
N PHE A 106 35.46 -25.44 -18.63
CA PHE A 106 35.44 -24.02 -18.31
C PHE A 106 36.85 -23.53 -18.04
N ALA A 107 37.48 -24.12 -17.03
CA ALA A 107 38.79 -23.66 -16.58
C ALA A 107 39.81 -23.61 -17.72
N ARG A 108 39.63 -24.43 -18.75
CA ARG A 108 40.52 -24.42 -19.91
C ARG A 108 40.23 -23.26 -20.86
N LYS A 109 38.95 -22.97 -21.10
CA LYS A 109 38.61 -21.81 -21.91
C LYS A 109 39.06 -20.58 -21.15
N TYR A 110 39.05 -20.71 -19.82
CA TYR A 110 39.51 -19.64 -18.95
C TYR A 110 40.95 -19.27 -19.23
N ARG A 111 41.92 -20.15 -18.96
CA ARG A 111 43.25 -19.57 -19.08
C ARG A 111 43.78 -19.64 -20.50
N GLU A 112 42.92 -19.94 -21.47
CA GLU A 112 43.23 -19.48 -22.83
C GLU A 112 42.91 -17.99 -22.92
N LEU A 113 41.79 -17.60 -22.33
CA LEU A 113 41.46 -16.18 -22.18
C LEU A 113 42.59 -15.46 -21.42
N LEU A 114 43.11 -16.11 -20.38
CA LEU A 114 44.27 -15.59 -19.66
C LEU A 114 45.50 -15.40 -20.56
N LYS A 115 45.75 -16.38 -21.42
CA LYS A 115 46.90 -16.34 -22.32
C LYS A 115 46.75 -15.18 -23.30
N THR A 116 45.53 -15.02 -23.81
CA THR A 116 45.25 -13.97 -24.78
C THR A 116 45.02 -12.61 -24.10
N ALA A 117 45.33 -12.54 -22.80
CA ALA A 117 45.19 -11.29 -22.05
C ALA A 117 46.12 -10.14 -22.44
N CYS A 118 46.94 -10.36 -23.47
CA CYS A 118 47.79 -9.30 -24.00
C CYS A 118 47.43 -8.82 -25.41
N GLN A 119 46.45 -9.49 -26.02
CA GLN A 119 45.78 -8.98 -27.21
C GLN A 119 44.59 -8.08 -26.82
N TRP A 120 43.68 -8.60 -25.99
CA TRP A 120 42.43 -7.89 -25.72
C TRP A 120 42.49 -6.79 -24.63
N SER A 121 43.47 -6.83 -23.73
CA SER A 121 43.54 -5.81 -22.67
C SER A 121 44.36 -4.57 -23.08
N LEU A 122 44.68 -4.48 -24.36
CA LEU A 122 45.65 -3.50 -24.87
C LEU A 122 45.09 -2.10 -24.83
N THR A 123 43.87 -1.96 -25.35
CA THR A 123 43.17 -0.69 -25.32
C THR A 123 41.68 -0.80 -24.92
N VAL A 124 41.04 0.37 -24.79
CA VAL A 124 39.63 0.44 -24.47
C VAL A 124 38.79 -0.28 -25.53
N GLU A 125 39.21 -0.13 -26.79
CA GLU A 125 38.49 -0.76 -27.90
C GLU A 125 38.70 -2.25 -27.87
N ALA A 126 39.91 -2.68 -27.52
CA ALA A 126 40.17 -4.11 -27.45
C ALA A 126 39.29 -4.69 -26.33
N LEU A 127 39.34 -4.07 -25.15
CA LEU A 127 38.55 -4.50 -24.01
C LEU A 127 37.04 -4.57 -24.30
N ASP A 128 36.49 -3.57 -24.98
CA ASP A 128 35.05 -3.63 -25.29
C ASP A 128 34.79 -4.73 -26.30
N VAL A 129 35.69 -4.89 -27.27
CA VAL A 129 35.55 -5.96 -28.25
C VAL A 129 35.52 -7.34 -27.58
N ARG A 130 36.42 -7.58 -26.63
CA ARG A 130 36.37 -8.85 -25.90
C ARG A 130 35.07 -8.99 -25.10
N ALA A 131 34.68 -7.93 -24.39
CA ALA A 131 33.44 -7.94 -23.64
C ALA A 131 32.25 -8.32 -24.52
N GLN A 132 32.14 -7.70 -25.69
CA GLN A 132 30.92 -7.87 -26.48
C GLN A 132 30.83 -9.25 -27.13
N THR A 133 31.97 -9.90 -27.27
CA THR A 133 32.02 -11.15 -28.01
C THR A 133 32.29 -12.30 -27.07
N LEU A 134 32.26 -12.00 -25.77
CA LEU A 134 32.49 -13.01 -24.76
C LEU A 134 31.53 -14.20 -24.85
N ASP A 135 30.37 -14.02 -25.50
CA ASP A 135 29.42 -15.12 -25.60
C ASP A 135 29.71 -16.07 -26.77
N GLU A 136 30.48 -15.59 -27.75
CA GLU A 136 30.93 -16.45 -28.83
C GLU A 136 31.65 -17.68 -28.28
N ILE A 137 32.55 -17.48 -27.32
CA ILE A 137 33.26 -18.61 -26.74
C ILE A 137 32.84 -18.97 -25.30
N PHE A 138 32.04 -18.12 -24.65
CA PHE A 138 31.51 -18.46 -23.32
C PHE A 138 29.98 -18.54 -23.30
N ASP A 139 29.42 -19.20 -22.28
CA ASP A 139 27.96 -19.32 -22.15
C ASP A 139 27.45 -18.49 -20.94
N PRO A 140 26.11 -18.31 -20.81
CA PRO A 140 25.65 -17.43 -19.72
C PRO A 140 26.17 -17.72 -18.31
N THR A 141 26.27 -18.98 -17.89
CA THR A 141 26.71 -19.27 -16.53
C THR A 141 28.16 -18.88 -16.33
N GLU A 142 28.97 -19.12 -17.33
CA GLU A 142 30.40 -18.86 -17.17
C GLU A 142 30.68 -17.36 -17.23
N ILE A 143 29.92 -16.63 -18.06
CA ILE A 143 30.10 -15.19 -18.16
C ILE A 143 29.87 -14.53 -16.79
N LEU A 144 28.87 -15.02 -16.05
CA LEU A 144 28.63 -14.51 -14.72
C LEU A 144 29.75 -14.91 -13.78
N TRP A 145 30.27 -16.12 -13.97
CA TRP A 145 31.41 -16.53 -13.15
C TRP A 145 32.62 -15.64 -13.42
N LEU A 146 32.80 -15.22 -14.67
CA LEU A 146 33.92 -14.34 -15.00
C LEU A 146 33.66 -12.97 -14.38
N GLN A 147 32.40 -12.54 -14.41
CA GLN A 147 32.03 -11.21 -13.92
C GLN A 147 32.20 -11.06 -12.43
N VAL A 148 32.49 -12.18 -11.78
CA VAL A 148 32.54 -12.24 -10.34
C VAL A 148 33.92 -12.79 -9.89
N ALA A 149 34.78 -13.06 -10.88
CA ALA A 149 36.15 -13.57 -10.70
C ALA A 149 37.10 -12.72 -9.84
N ALA A 150 38.18 -13.36 -9.38
CA ALA A 150 39.17 -12.73 -8.50
C ALA A 150 40.29 -12.07 -9.29
N LYS A 151 40.49 -12.49 -10.53
CA LYS A 151 41.49 -11.82 -11.33
C LYS A 151 40.91 -10.55 -11.92
N ILE A 152 41.32 -9.42 -11.36
CA ILE A 152 40.82 -8.13 -11.80
C ILE A 152 40.95 -7.92 -13.28
N HIS A 153 42.09 -8.29 -13.87
CA HIS A 153 42.25 -8.20 -15.32
C HIS A 153 40.96 -8.69 -16.00
N VAL A 154 40.55 -9.90 -15.66
CA VAL A 154 39.40 -10.58 -16.33
C VAL A 154 38.06 -10.05 -15.82
N SER A 155 37.93 -9.86 -14.52
CA SER A 155 36.62 -9.39 -13.97
C SER A 155 36.34 -7.93 -14.32
N SER A 156 37.32 -7.12 -14.68
CA SER A 156 36.94 -5.73 -15.02
C SER A 156 36.61 -5.63 -16.51
N MET A 157 36.82 -6.70 -17.26
CA MET A 157 36.58 -6.70 -18.72
C MET A 157 35.18 -7.21 -19.01
N ALA A 158 34.72 -8.24 -18.31
CA ALA A 158 33.39 -8.79 -18.67
C ALA A 158 32.29 -7.95 -18.03
N MET A 159 32.65 -7.30 -16.93
CA MET A 159 31.71 -6.48 -16.15
C MET A 159 31.32 -5.36 -17.09
N ARG A 160 32.08 -5.21 -18.16
CA ARG A 160 31.71 -4.17 -19.12
C ARG A 160 30.41 -4.49 -19.85
N ARG A 161 30.11 -5.78 -20.05
CA ARG A 161 28.85 -6.23 -20.64
C ARG A 161 27.63 -5.72 -19.85
N LEU A 162 27.84 -5.56 -18.55
CA LEU A 162 26.74 -5.26 -17.63
C LEU A 162 26.26 -3.80 -17.71
N VAL A 163 27.11 -2.91 -18.22
CA VAL A 163 26.75 -1.49 -18.23
C VAL A 163 25.48 -1.24 -19.06
N GLY A 164 25.44 -1.79 -20.27
CA GLY A 164 24.27 -1.68 -21.11
C GLY A 164 23.07 -2.45 -20.58
N GLU A 165 23.32 -3.57 -19.89
CA GLU A 165 22.23 -4.37 -19.35
C GLU A 165 21.48 -3.59 -18.26
N VAL A 166 22.23 -2.85 -17.46
CA VAL A 166 21.68 -2.05 -16.36
C VAL A 166 20.99 -0.81 -16.90
N THR A 167 21.59 -0.20 -17.92
CA THR A 167 20.98 0.93 -18.61
C THR A 167 19.60 0.56 -19.15
N ALA A 168 19.51 -0.63 -19.78
CA ALA A 168 18.24 -1.16 -20.30
C ALA A 168 17.18 -1.34 -19.19
N LYS A 169 17.60 -1.84 -18.03
CA LYS A 169 16.67 -2.00 -16.94
C LYS A 169 16.22 -0.63 -16.40
N VAL A 170 17.12 0.33 -16.42
CA VAL A 170 16.74 1.63 -15.89
C VAL A 170 15.74 2.28 -16.84
N MET A 171 16.06 2.35 -18.14
CA MET A 171 15.08 2.83 -19.12
C MET A 171 13.69 2.16 -18.97
N ASP A 172 13.66 0.83 -18.79
CA ASP A 172 12.41 0.07 -18.62
C ASP A 172 11.62 0.50 -17.38
N ALA A 173 12.34 0.75 -16.29
CA ALA A 173 11.74 1.09 -15.01
C ALA A 173 11.23 2.52 -15.01
N LEU A 174 11.66 3.30 -15.98
CA LEU A 174 11.33 4.72 -16.02
C LEU A 174 9.97 4.93 -16.69
N GLY A 175 9.74 4.23 -17.80
CA GLY A 175 8.46 4.30 -18.49
C GLY A 175 8.53 5.18 -19.71
N SER A 176 7.57 5.03 -20.63
CA SER A 176 7.56 5.92 -21.78
C SER A 176 7.17 7.34 -21.35
N ASN A 177 6.55 7.49 -20.19
CA ASN A 177 6.25 8.82 -19.69
C ASN A 177 7.70 8.83 -19.18
N LEU A 178 8.30 10.00 -19.01
CA LEU A 178 9.70 9.99 -18.62
C LEU A 178 10.84 9.74 -19.60
N SER A 179 10.49 9.63 -20.89
CA SER A 179 11.44 9.28 -21.92
C SER A 179 12.30 10.45 -22.38
N ALA A 180 11.80 11.66 -22.19
CA ALA A 180 12.60 12.85 -22.46
C ALA A 180 13.69 12.99 -21.40
N LEU A 181 13.63 12.15 -20.38
CA LEU A 181 14.66 12.07 -19.34
C LEU A 181 15.62 10.88 -19.58
N PHE A 182 15.42 10.14 -20.68
CA PHE A 182 16.27 9.02 -20.96
C PHE A 182 17.73 9.44 -21.13
N GLN A 183 17.97 10.42 -22.00
CA GLN A 183 19.34 10.90 -22.25
C GLN A 183 20.02 11.45 -21.00
N ILE A 184 19.31 12.21 -20.17
CA ILE A 184 19.95 12.74 -18.98
C ILE A 184 20.38 11.56 -18.11
N PHE A 185 19.57 10.51 -18.07
CA PHE A 185 19.90 9.29 -17.33
C PHE A 185 21.04 8.49 -17.98
N LYS A 186 21.05 8.42 -19.30
CA LYS A 186 22.03 7.56 -19.92
C LYS A 186 23.45 8.16 -19.84
N GLN A 187 23.56 9.48 -20.01
CA GLN A 187 24.83 10.18 -19.87
C GLN A 187 25.44 9.98 -18.48
N GLN A 188 24.62 10.14 -17.44
CA GLN A 188 25.11 10.01 -16.07
C GLN A 188 25.53 8.59 -15.81
N ILE A 189 24.75 7.64 -16.33
CA ILE A 189 25.05 6.24 -16.14
C ILE A 189 26.39 5.90 -16.81
N VAL A 190 26.55 6.33 -18.06
CA VAL A 190 27.80 6.08 -18.78
C VAL A 190 28.97 6.73 -18.04
N ARG A 191 28.80 7.98 -17.63
CA ARG A 191 29.86 8.70 -16.95
C ARG A 191 30.32 8.00 -15.68
N ILE A 192 29.39 7.47 -14.90
CA ILE A 192 29.75 6.89 -13.60
C ILE A 192 30.29 5.47 -13.73
N PHE A 193 29.76 4.71 -14.69
CA PHE A 193 30.29 3.38 -14.93
C PHE A 193 31.66 3.43 -15.57
N GLN A 194 31.95 4.51 -16.30
CA GLN A 194 33.29 4.65 -16.89
C GLN A 194 34.32 4.87 -15.79
N LYS A 195 34.06 5.83 -14.93
CA LYS A 195 34.93 6.10 -13.78
C LYS A 195 35.16 4.85 -12.92
N ALA A 196 34.08 4.10 -12.69
CA ALA A 196 34.13 2.92 -11.84
C ALA A 196 34.97 1.83 -12.47
N LEU A 197 34.83 1.66 -13.79
CA LEU A 197 35.50 0.59 -14.54
C LEU A 197 36.86 1.01 -15.17
N ALA A 198 37.25 2.27 -14.99
CA ALA A 198 38.45 2.83 -15.64
C ALA A 198 39.68 1.91 -15.51
N ILE A 199 40.23 1.50 -16.63
CA ILE A 199 41.43 0.65 -16.61
C ILE A 199 42.71 1.48 -16.69
N PHE A 200 42.65 2.63 -17.36
CA PHE A 200 43.87 3.36 -17.70
C PHE A 200 44.09 4.63 -16.90
N GLU A 201 43.21 4.93 -15.95
CA GLU A 201 43.44 6.02 -15.02
C GLU A 201 43.11 5.54 -13.60
N ASN A 202 43.47 6.35 -12.60
CA ASN A 202 43.21 6.01 -11.20
C ASN A 202 43.57 4.54 -10.94
N VAL A 203 44.72 4.12 -11.45
CA VAL A 203 45.07 2.70 -11.52
C VAL A 203 45.36 2.08 -10.13
N SER A 204 45.82 2.90 -9.19
CA SER A 204 46.14 2.37 -7.87
C SER A 204 44.87 1.92 -7.16
N GLU A 205 43.78 2.64 -7.37
CA GLU A 205 42.51 2.31 -6.74
C GLU A 205 41.64 1.33 -7.54
N LEU A 206 42.13 0.84 -8.67
CA LEU A 206 41.33 -0.11 -9.45
C LEU A 206 40.78 -1.28 -8.62
N PRO A 207 41.60 -1.88 -7.71
CA PRO A 207 41.01 -3.02 -6.99
C PRO A 207 39.86 -2.61 -6.05
N GLN A 208 39.94 -1.41 -5.48
CA GLN A 208 38.84 -0.93 -4.65
C GLN A 208 37.56 -0.72 -5.46
N ARG A 209 37.66 -0.02 -6.59
CA ARG A 209 36.49 0.30 -7.40
C ARG A 209 35.79 -0.94 -7.94
N ILE A 210 36.57 -1.95 -8.27
CA ILE A 210 36.01 -3.18 -8.82
C ILE A 210 35.31 -3.96 -7.73
N ALA A 211 35.87 -3.93 -6.53
CA ALA A 211 35.25 -4.60 -5.40
C ALA A 211 33.90 -3.92 -5.08
N ALA A 212 33.93 -2.59 -5.02
CA ALA A 212 32.73 -1.81 -4.78
C ALA A 212 31.68 -2.04 -5.88
N LEU A 213 32.15 -2.29 -7.10
CA LEU A 213 31.26 -2.37 -8.24
C LEU A 213 30.55 -3.72 -8.28
N LYS A 214 31.22 -4.72 -7.72
CA LYS A 214 30.61 -6.05 -7.62
C LYS A 214 29.37 -6.00 -6.71
N MET A 215 29.51 -5.32 -5.58
CA MET A 215 28.40 -5.13 -4.66
C MET A 215 27.24 -4.37 -5.32
N ALA A 216 27.56 -3.30 -6.06
CA ALA A 216 26.53 -2.57 -6.79
C ALA A 216 25.82 -3.47 -7.79
N PHE A 217 26.58 -4.34 -8.44
CA PHE A 217 25.98 -5.18 -9.46
C PHE A 217 25.08 -6.21 -8.77
N ALA A 218 25.47 -6.64 -7.57
CA ALA A 218 24.67 -7.56 -6.79
C ALA A 218 23.33 -6.96 -6.38
N LYS A 219 23.34 -5.66 -6.13
CA LYS A 219 22.14 -4.98 -5.65
C LYS A 219 21.19 -4.77 -6.83
N CYS A 220 21.73 -4.61 -8.03
CA CYS A 220 20.96 -4.39 -9.23
C CYS A 220 20.80 -5.62 -10.08
N ALA A 221 21.01 -6.80 -9.53
CA ALA A 221 20.73 -8.01 -10.27
C ALA A 221 19.46 -8.69 -10.68
N ARG A 222 18.31 -8.15 -10.33
CA ARG A 222 17.09 -8.83 -10.66
C ARG A 222 16.62 -7.41 -10.48
N SER A 223 15.33 -7.18 -10.34
CA SER A 223 14.82 -5.82 -10.55
C SER A 223 15.16 -4.37 -10.15
N ILE A 224 15.17 -3.50 -11.15
CA ILE A 224 15.30 -2.07 -10.91
C ILE A 224 13.99 -1.32 -10.64
N THR A 225 13.99 -0.45 -9.63
CA THR A 225 12.79 0.33 -9.27
C THR A 225 13.15 1.81 -9.18
N VAL A 226 12.37 2.63 -9.88
CA VAL A 226 12.46 4.07 -9.83
C VAL A 226 11.33 4.69 -8.97
N VAL A 227 11.71 5.52 -8.00
CA VAL A 227 10.71 6.21 -7.18
C VAL A 227 11.06 7.68 -7.13
N VAL A 228 10.17 8.46 -6.51
CA VAL A 228 10.37 9.88 -6.29
C VAL A 228 10.63 10.11 -4.79
N MET A 229 11.75 10.75 -4.48
CA MET A 229 12.01 11.15 -3.10
C MET A 229 12.48 12.59 -3.16
N GLU A 230 11.89 13.45 -2.33
CA GLU A 230 12.22 14.87 -2.35
C GLU A 230 12.25 15.46 -3.77
N ARG A 231 11.15 15.27 -4.50
CA ARG A 231 10.97 15.87 -5.81
C ARG A 231 12.10 15.53 -6.78
N THR A 232 12.68 14.35 -6.66
CA THR A 232 13.60 13.91 -7.71
C THR A 232 13.40 12.41 -7.96
N LEU A 233 13.65 11.97 -9.20
CA LEU A 233 13.63 10.54 -9.51
C LEU A 233 14.85 9.87 -8.87
N VAL A 234 14.61 8.73 -8.25
CA VAL A 234 15.68 7.99 -7.59
C VAL A 234 15.64 6.55 -8.07
N VAL A 235 16.82 6.00 -8.39
CA VAL A 235 16.95 4.57 -8.63
C VAL A 235 17.31 3.87 -7.31
N ARG A 236 16.33 3.22 -6.72
CA ARG A 236 16.47 2.67 -5.38
C ARG A 236 17.65 1.71 -5.27
N GLU A 237 17.86 0.88 -6.29
CA GLU A 237 18.93 -0.13 -6.26
C GLU A 237 20.33 0.50 -6.25
N PHE A 238 20.47 1.74 -6.72
CA PHE A 238 21.76 2.45 -6.67
C PHE A 238 22.07 3.04 -5.30
N ALA A 239 21.06 3.31 -4.50
CA ALA A 239 21.31 4.00 -3.25
C ALA A 239 22.16 3.11 -2.36
N GLY A 240 22.96 3.73 -1.49
CA GLY A 240 23.85 2.98 -0.63
C GLY A 240 24.96 2.21 -1.33
N THR A 241 25.19 2.47 -2.62
CA THR A 241 26.28 1.82 -3.38
C THR A 241 27.14 2.83 -4.12
N CYS A 242 28.20 2.35 -4.77
CA CYS A 242 29.07 3.24 -5.53
C CYS A 242 28.34 3.85 -6.73
N LEU A 243 27.24 3.24 -7.14
CA LEU A 243 26.42 3.86 -8.18
C LEU A 243 25.56 5.05 -7.69
N ALA A 244 25.56 5.32 -6.37
CA ALA A 244 24.64 6.33 -5.83
C ALA A 244 24.85 7.69 -6.46
N SER A 245 26.07 7.97 -6.92
CA SER A 245 26.35 9.27 -7.50
C SER A 245 25.51 9.51 -8.76
N ILE A 246 25.00 8.42 -9.35
CA ILE A 246 24.04 8.55 -10.46
C ILE A 246 22.77 9.27 -9.98
N ASN A 247 22.23 8.81 -8.84
CA ASN A 247 21.10 9.49 -8.20
C ASN A 247 21.46 10.95 -7.95
N GLY A 248 22.64 11.16 -7.36
CA GLY A 248 23.14 12.49 -7.02
C GLY A 248 23.07 13.44 -8.20
N ALA A 249 23.62 13.01 -9.35
CA ALA A 249 23.61 13.85 -10.55
C ALA A 249 22.19 14.15 -11.02
N VAL A 250 21.32 13.14 -11.02
CA VAL A 250 19.93 13.35 -11.40
C VAL A 250 19.24 14.33 -10.41
N ALA A 251 19.59 14.24 -9.14
CA ALA A 251 19.00 15.15 -8.16
C ALA A 251 19.37 16.58 -8.48
N LYS A 252 20.59 16.77 -8.99
CA LYS A 252 21.09 18.11 -9.32
C LYS A 252 20.31 18.69 -10.52
N PHE A 253 19.99 17.86 -11.49
CA PHE A 253 19.11 18.29 -12.58
C PHE A 253 17.70 18.65 -12.09
N PHE A 254 17.17 17.88 -11.13
CA PHE A 254 15.82 18.19 -10.63
C PHE A 254 15.82 19.41 -9.75
N GLU A 255 16.84 19.53 -8.90
CA GLU A 255 16.92 20.71 -8.03
C GLU A 255 16.92 22.02 -8.85
N GLU A 256 17.43 21.97 -10.07
CA GLU A 256 17.51 23.19 -10.89
C GLU A 256 16.24 23.54 -11.67
N LEU A 257 15.28 22.60 -11.72
CA LEU A 257 13.98 22.83 -12.38
C LEU A 257 13.12 23.93 -11.71
N PRO A 258 12.26 24.60 -12.49
CA PRO A 258 11.39 25.66 -11.95
C PRO A 258 10.44 25.10 -10.92
N ASN A 259 10.01 25.94 -10.00
CA ASN A 259 8.94 25.57 -9.09
C ASN A 259 7.57 25.88 -9.68
N GLY A 260 6.56 25.20 -9.14
CA GLY A 260 5.21 25.30 -9.68
C GLY A 260 4.18 25.00 -8.60
N PHE A 261 2.97 24.68 -9.04
CA PHE A 261 1.85 24.47 -8.15
C PHE A 261 2.17 23.60 -6.94
N MET A 262 1.80 24.13 -5.77
CA MET A 262 1.95 23.47 -4.48
C MET A 262 3.35 22.86 -4.39
N GLY A 263 4.36 23.66 -4.79
CA GLY A 263 5.76 23.31 -4.55
C GLY A 263 6.33 22.09 -5.24
N ALA A 264 5.80 21.79 -6.43
CA ALA A 264 6.32 20.74 -7.27
C ALA A 264 7.44 21.26 -8.13
N LYS A 265 8.24 20.35 -8.68
CA LYS A 265 9.17 20.68 -9.74
C LYS A 265 8.50 20.43 -11.08
N ILE A 266 8.72 21.35 -12.00
CA ILE A 266 8.02 21.27 -13.27
C ILE A 266 8.98 20.92 -14.39
N PHE A 267 8.60 19.90 -15.13
CA PHE A 267 9.33 19.53 -16.31
C PHE A 267 8.43 19.08 -17.45
N THR A 268 8.33 19.89 -18.50
CA THR A 268 7.42 19.63 -19.63
C THR A 268 5.98 19.47 -19.13
N THR A 269 5.35 18.33 -19.40
CA THR A 269 3.97 18.15 -18.94
C THR A 269 3.91 17.40 -17.61
N LEU A 270 4.96 17.47 -16.83
CA LEU A 270 4.99 16.68 -15.60
C LEU A 270 5.31 17.56 -14.42
N ALA A 271 4.99 17.06 -13.24
CA ALA A 271 5.26 17.78 -12.01
C ALA A 271 5.74 16.77 -11.00
N PHE A 272 6.71 17.15 -10.16
CA PHE A 272 7.28 16.20 -9.22
C PHE A 272 7.15 16.70 -7.79
N PHE A 273 6.22 16.09 -7.06
CA PHE A 273 5.98 16.37 -5.64
C PHE A 273 6.94 15.55 -4.80
N LYS A 274 6.88 15.70 -3.48
CA LYS A 274 7.90 15.09 -2.64
C LYS A 274 8.07 13.60 -2.97
N GLU A 275 6.96 12.87 -3.03
CA GLU A 275 7.02 11.43 -3.15
C GLU A 275 6.23 10.88 -4.33
N ALA A 276 5.98 11.70 -5.34
CA ALA A 276 5.21 11.22 -6.47
C ALA A 276 5.38 12.13 -7.65
N ALA A 277 5.47 11.51 -8.82
CA ALA A 277 5.45 12.22 -10.08
C ALA A 277 4.03 12.20 -10.58
N VAL A 278 3.59 13.29 -11.18
CA VAL A 278 2.25 13.27 -11.72
C VAL A 278 2.33 13.85 -13.10
N ARG A 279 1.37 13.45 -13.91
CA ARG A 279 1.15 14.06 -15.20
C ARG A 279 0.14 15.22 -14.99
N ILE A 280 0.37 16.36 -15.65
CA ILE A 280 -0.56 17.48 -15.53
C ILE A 280 -1.59 17.42 -16.65
N VAL A 281 -2.82 17.11 -16.28
CA VAL A 281 -3.87 17.02 -17.28
C VAL A 281 -4.64 18.33 -17.40
N GLU A 282 -4.80 18.75 -18.65
CA GLU A 282 -5.42 20.00 -19.03
C GLU A 282 -6.86 19.75 -19.50
N ASN A 283 -7.72 20.75 -19.28
CA ASN A 283 -9.15 20.69 -19.63
C ASN A 283 -9.91 19.46 -19.12
N ILE A 284 -9.89 19.25 -17.81
CA ILE A 284 -10.54 18.09 -17.23
C ILE A 284 -12.06 18.26 -17.22
N PRO A 285 -12.79 17.13 -17.31
CA PRO A 285 -14.26 17.14 -17.27
C PRO A 285 -14.86 17.76 -16.00
N ASN A 286 -16.13 18.13 -16.07
CA ASN A 286 -16.92 18.57 -14.91
C ASN A 286 -16.31 19.67 -14.05
N ALA A 287 -15.84 20.74 -14.71
CA ALA A 287 -15.14 21.81 -14.02
C ALA A 287 -15.10 23.07 -14.89
N PRO A 288 -14.69 24.22 -14.32
CA PRO A 288 -14.59 25.39 -15.20
C PRO A 288 -13.58 25.17 -16.29
N ARG A 289 -13.94 25.54 -17.52
CA ARG A 289 -13.02 25.49 -18.66
C ARG A 289 -11.70 26.17 -18.27
N GLY A 290 -10.60 25.43 -18.38
CA GLY A 290 -9.32 25.94 -17.95
C GLY A 290 -8.67 25.13 -16.84
N THR A 291 -9.47 24.35 -16.11
CA THR A 291 -9.05 23.65 -14.91
C THR A 291 -8.11 22.47 -15.18
N LYS A 292 -7.05 22.37 -14.39
CA LYS A 292 -6.08 21.31 -14.58
C LYS A 292 -6.30 20.25 -13.52
N GLY A 293 -5.91 19.02 -13.84
CA GLY A 293 -5.89 17.97 -12.85
C GLY A 293 -4.58 17.21 -12.92
N PHE A 294 -4.36 16.34 -11.95
CA PHE A 294 -3.17 15.53 -11.90
C PHE A 294 -3.50 14.05 -12.13
N GLU A 295 -2.57 13.38 -12.82
CA GLU A 295 -2.60 11.92 -12.99
C GLU A 295 -1.25 11.28 -12.61
N VAL A 296 -1.21 10.67 -11.44
CA VAL A 296 -0.03 10.01 -10.94
C VAL A 296 0.57 8.93 -11.91
N VAL A 297 1.88 9.02 -12.18
CA VAL A 297 2.59 8.00 -13.01
C VAL A 297 3.67 7.24 -12.24
N GLY A 298 3.96 6.02 -12.69
CA GLY A 298 4.99 5.20 -12.05
C GLY A 298 4.70 4.91 -10.59
N ASN A 299 5.74 4.73 -9.80
CA ASN A 299 5.57 4.49 -8.37
C ASN A 299 5.37 5.79 -7.58
N ALA A 300 4.34 5.83 -6.74
CA ALA A 300 3.91 7.07 -6.07
C ALA A 300 3.37 6.80 -4.67
N LYS A 301 3.91 7.46 -3.65
CA LYS A 301 3.33 7.34 -2.31
C LYS A 301 2.17 8.31 -2.15
N GLY A 302 1.28 8.04 -1.21
CA GLY A 302 0.12 8.88 -0.98
C GLY A 302 -1.01 8.14 -0.28
N THR A 303 -2.20 8.70 -0.32
CA THR A 303 -3.30 8.12 0.42
C THR A 303 -4.53 8.01 -0.47
N GLN A 304 -5.13 6.82 -0.53
CA GLN A 304 -6.42 6.70 -1.20
C GLN A 304 -7.43 7.42 -0.35
N VAL A 305 -8.23 8.30 -0.96
CA VAL A 305 -9.21 9.07 -0.18
C VAL A 305 -10.64 8.93 -0.69
N VAL A 306 -11.58 9.16 0.22
CA VAL A 306 -13.00 9.20 -0.13
C VAL A 306 -13.46 10.64 -0.24
N VAL A 307 -14.08 10.99 -1.35
CA VAL A 307 -14.53 12.37 -1.55
C VAL A 307 -16.06 12.54 -1.29
N ARG A 308 -16.41 13.48 -0.40
CA ARG A 308 -17.79 13.64 0.06
C ARG A 308 -18.58 14.60 -0.83
N GLY A 309 -17.85 15.38 -1.62
CA GLY A 309 -18.46 16.34 -2.52
C GLY A 309 -17.47 17.43 -2.89
N MET A 310 -17.86 18.29 -3.83
CA MET A 310 -17.12 19.49 -4.14
C MET A 310 -17.49 20.62 -3.13
N ARG A 311 -16.50 21.38 -2.65
CA ARG A 311 -16.78 22.65 -1.95
C ARG A 311 -15.98 23.79 -2.54
N ASN A 312 -16.64 24.92 -2.74
CA ASN A 312 -15.90 26.13 -3.06
C ASN A 312 -15.80 27.27 -2.04
N ASP A 313 -15.87 26.93 -0.76
CA ASP A 313 -15.72 27.92 0.32
C ASP A 313 -14.29 28.09 0.86
N LEU A 314 -13.32 27.44 0.24
CA LEU A 314 -11.96 27.45 0.80
C LEU A 314 -11.00 28.28 -0.04
N THR A 315 -10.07 28.97 0.63
CA THR A 315 -9.00 29.67 -0.06
C THR A 315 -7.65 29.02 0.31
N LEU A 316 -6.84 28.76 -0.70
CA LEU A 316 -5.56 28.07 -0.54
C LEU A 316 -4.46 29.06 -0.18
N LEU A 317 -3.75 28.79 0.91
CA LEU A 317 -2.62 29.61 1.34
C LEU A 317 -1.28 29.03 0.84
N ASP A 318 -0.22 29.85 0.91
CA ASP A 318 1.12 29.39 0.53
C ASP A 318 1.89 28.53 1.49
N GLN A 319 1.37 28.35 2.70
CA GLN A 319 2.04 27.62 3.67
C GLN A 319 1.93 26.12 3.56
N LYS A 320 3.01 25.41 3.86
CA LYS A 320 2.99 23.96 3.73
C LYS A 320 2.71 23.62 5.22
N ALA A 321 2.26 22.39 5.48
CA ALA A 321 1.95 21.96 6.83
C ALA A 321 2.27 20.49 6.96
N ASP A 322 2.86 20.09 8.07
CA ASP A 322 3.10 18.68 8.29
C ASP A 322 1.98 18.08 9.11
N ILE A 323 0.94 17.69 8.40
CA ILE A 323 -0.27 17.10 8.96
C ILE A 323 -0.52 15.82 8.17
N PRO A 324 -0.85 14.73 8.86
CA PRO A 324 -1.28 13.55 8.10
C PRO A 324 -2.58 13.81 7.31
N VAL A 325 -2.63 13.42 6.03
CA VAL A 325 -3.84 13.50 5.21
C VAL A 325 -4.95 12.54 5.68
N GLU A 326 -6.09 13.09 6.08
CA GLU A 326 -7.24 12.28 6.49
C GLU A 326 -7.79 11.48 5.30
N SER A 327 -8.26 10.27 5.55
CA SER A 327 -8.79 9.49 4.46
C SER A 327 -10.18 9.94 3.97
N GLU A 328 -10.81 10.90 4.64
CA GLU A 328 -12.08 11.45 4.15
C GLU A 328 -12.07 12.97 4.04
N GLY A 329 -12.84 13.50 3.11
CA GLY A 329 -12.64 14.86 2.70
C GLY A 329 -13.48 15.23 1.50
N TRP A 330 -13.03 16.28 0.82
CA TRP A 330 -13.77 16.90 -0.27
C TRP A 330 -12.79 17.24 -1.37
N SER A 331 -13.32 17.44 -2.57
CA SER A 331 -12.53 17.98 -3.66
C SER A 331 -12.79 19.49 -3.79
N ALA A 332 -11.84 20.23 -4.33
CA ALA A 332 -12.05 21.65 -4.51
C ALA A 332 -11.21 22.18 -5.65
N ILE A 333 -11.70 23.19 -6.36
CA ILE A 333 -10.87 23.91 -7.32
C ILE A 333 -10.11 25.01 -6.57
N LEU A 334 -8.79 24.88 -6.54
CA LEU A 334 -7.92 25.81 -5.85
C LEU A 334 -6.85 26.19 -6.83
N GLY A 335 -6.71 27.49 -7.07
CA GLY A 335 -5.72 28.01 -8.01
C GLY A 335 -5.76 27.32 -9.35
N GLY A 336 -6.96 27.00 -9.82
CA GLY A 336 -7.12 26.43 -11.15
C GLY A 336 -6.81 24.94 -11.24
N HIS A 337 -6.69 24.29 -10.08
CA HIS A 337 -6.38 22.86 -10.00
C HIS A 337 -7.40 22.09 -9.17
N LEU A 338 -7.83 20.94 -9.70
CA LEU A 338 -8.67 20.03 -8.94
C LEU A 338 -7.86 19.46 -7.78
N CYS A 339 -8.27 19.78 -6.56
CA CYS A 339 -7.50 19.42 -5.38
C CYS A 339 -8.36 18.71 -4.35
N TYR A 340 -7.69 18.06 -3.42
CA TYR A 340 -8.34 17.46 -2.28
C TYR A 340 -8.25 18.44 -1.10
N VAL A 341 -9.31 18.57 -0.31
CA VAL A 341 -9.27 19.41 0.87
C VAL A 341 -9.90 18.65 2.01
N PHE A 342 -9.42 18.87 3.21
CA PHE A 342 -9.88 18.09 4.33
C PHE A 342 -9.82 18.87 5.62
N ARG A 343 -10.30 18.24 6.67
CA ARG A 343 -10.39 18.89 7.96
C ARG A 343 -9.62 18.08 8.97
N SER A 344 -8.77 18.78 9.71
CA SER A 344 -7.98 18.15 10.76
C SER A 344 -7.76 19.18 11.86
N GLY A 345 -7.93 18.76 13.10
CA GLY A 345 -7.79 19.64 14.25
C GLY A 345 -8.40 21.05 14.10
N ASP A 346 -9.63 21.13 13.61
CA ASP A 346 -10.32 22.41 13.45
C ASP A 346 -9.73 23.34 12.39
N ARG A 347 -8.87 22.86 11.52
CA ARG A 347 -8.38 23.71 10.43
C ARG A 347 -8.66 23.05 9.09
N PHE A 348 -8.71 23.86 8.04
CA PHE A 348 -8.83 23.28 6.70
C PHE A 348 -7.48 23.20 5.95
N TYR A 349 -7.22 22.06 5.30
CA TYR A 349 -5.97 21.85 4.58
C TYR A 349 -6.21 21.32 3.18
N ALA A 350 -5.31 21.61 2.26
CA ALA A 350 -5.47 21.12 0.91
C ALA A 350 -4.25 20.27 0.48
N ALA A 351 -4.44 19.44 -0.54
CA ALA A 351 -3.40 18.50 -0.97
C ALA A 351 -3.54 18.22 -2.46
N PRO A 352 -2.46 17.78 -3.12
CA PRO A 352 -2.72 17.46 -4.53
C PRO A 352 -3.51 16.14 -4.65
N LEU A 353 -4.40 16.12 -5.63
CA LEU A 353 -5.26 14.97 -5.86
C LEU A 353 -5.05 14.37 -7.25
N SER A 354 -5.12 13.04 -7.32
CA SER A 354 -5.11 12.34 -8.62
C SER A 354 -6.17 11.23 -8.53
N GLY A 355 -7.35 11.49 -9.09
CA GLY A 355 -8.50 10.63 -8.92
C GLY A 355 -8.82 10.48 -7.44
N ASN A 356 -8.50 9.31 -6.91
CA ASN A 356 -8.79 8.93 -5.54
C ASN A 356 -7.56 8.92 -4.66
N PHE A 357 -6.46 9.45 -5.19
CA PHE A 357 -5.16 9.36 -4.53
C PHE A 357 -4.65 10.76 -4.12
N ALA A 358 -4.48 10.98 -2.82
CA ALA A 358 -4.01 12.27 -2.30
C ALA A 358 -2.49 12.23 -2.03
N LEU A 359 -1.76 13.22 -2.53
CA LEU A 359 -0.31 13.26 -2.24
C LEU A 359 -0.08 14.01 -0.94
N HIS A 360 1.07 13.78 -0.32
CA HIS A 360 1.28 14.32 1.02
C HIS A 360 1.92 15.71 1.08
N ASP A 361 1.96 16.42 -0.04
CA ASP A 361 2.34 17.83 -0.04
C ASP A 361 1.02 18.46 0.47
N VAL A 362 1.02 18.94 1.70
CA VAL A 362 -0.22 19.44 2.30
C VAL A 362 0.04 20.94 2.41
N HIS A 363 -0.95 21.75 2.02
CA HIS A 363 -0.91 23.19 2.25
C HIS A 363 -2.03 23.66 3.16
N CYS A 364 -1.86 24.85 3.74
CA CYS A 364 -2.89 25.43 4.60
C CYS A 364 -4.01 26.04 3.77
N CYS A 365 -5.20 26.04 4.37
CA CYS A 365 -6.35 26.71 3.78
C CYS A 365 -7.02 27.63 4.78
N GLU A 366 -7.67 28.66 4.28
CA GLU A 366 -8.50 29.44 5.17
C GLU A 366 -9.84 29.72 4.48
N ARG A 367 -10.81 30.12 5.29
CA ARG A 367 -12.17 30.32 4.84
C ARG A 367 -12.53 31.82 5.02
N VAL A 368 -12.78 32.51 3.92
CA VAL A 368 -12.95 33.93 4.01
C VAL A 368 -14.43 34.33 4.11
N VAL A 369 -14.75 35.02 5.20
CA VAL A 369 -16.10 35.47 5.51
C VAL A 369 -16.25 37.00 5.45
N CYS A 370 -17.21 37.45 4.66
CA CYS A 370 -17.46 38.88 4.54
C CYS A 370 -18.48 39.40 5.59
N LEU A 371 -18.07 40.31 6.46
CA LEU A 371 -19.01 40.95 7.40
C LEU A 371 -19.70 42.15 6.78
N SER A 372 -20.74 41.89 6.00
CA SER A 372 -21.43 42.92 5.23
C SER A 372 -22.02 44.09 6.05
N ASP A 373 -22.42 43.83 7.28
CA ASP A 373 -23.02 44.88 8.09
C ASP A 373 -22.17 45.16 9.31
N GLY A 374 -20.87 44.92 9.17
CA GLY A 374 -19.94 45.16 10.26
C GLY A 374 -20.01 44.10 11.34
N VAL A 375 -19.29 44.30 12.44
CA VAL A 375 -19.40 43.37 13.55
C VAL A 375 -20.66 43.72 14.31
N THR A 376 -21.70 42.99 13.97
CA THR A 376 -23.00 43.07 14.60
C THR A 376 -22.96 42.47 16.00
N PRO A 377 -23.80 42.97 16.93
CA PRO A 377 -23.89 42.47 18.32
C PRO A 377 -24.03 40.95 18.42
N GLU A 378 -24.79 40.38 17.49
CA GLU A 378 -24.91 38.95 17.41
C GLU A 378 -23.57 38.33 17.00
N ILE A 379 -22.96 38.87 15.95
CA ILE A 379 -21.67 38.35 15.49
C ILE A 379 -20.62 38.51 16.59
N ASN A 380 -20.61 39.66 17.24
CA ASN A 380 -19.63 39.93 18.29
C ASN A 380 -19.66 38.85 19.35
N ASP A 381 -20.87 38.52 19.84
CA ASP A 381 -21.01 37.59 20.96
C ASP A 381 -20.81 36.12 20.56
N GLY A 382 -21.16 35.74 19.33
CA GLY A 382 -20.80 34.42 18.90
C GLY A 382 -19.30 34.22 18.65
N LEU A 383 -18.62 35.26 18.15
CA LEU A 383 -17.17 35.17 17.98
C LEU A 383 -16.59 34.98 19.37
N ILE A 384 -17.10 35.75 20.34
CA ILE A 384 -16.63 35.64 21.72
C ILE A 384 -16.94 34.25 22.25
N LEU A 385 -18.10 33.71 21.89
CA LEU A 385 -18.42 32.35 22.32
C LEU A 385 -17.40 31.37 21.70
N ALA A 386 -17.18 31.48 20.40
CA ALA A 386 -16.17 30.63 19.74
C ALA A 386 -14.79 30.74 20.43
N ALA A 387 -14.39 31.95 20.79
CA ALA A 387 -13.15 32.15 21.55
C ALA A 387 -13.16 31.45 22.91
N ILE A 388 -14.27 31.53 23.64
CA ILE A 388 -14.31 30.93 24.98
C ILE A 388 -14.18 29.41 24.92
N TYR A 389 -14.89 28.81 23.97
CA TYR A 389 -14.82 27.38 23.77
C TYR A 389 -13.42 26.93 23.34
N SER A 390 -12.73 27.75 22.54
CA SER A 390 -11.49 27.35 21.93
C SER A 390 -10.28 27.80 22.75
N SER A 391 -10.52 28.42 23.90
CA SER A 391 -9.40 28.97 24.68
C SER A 391 -8.56 30.01 23.93
N PHE A 392 -9.16 30.67 22.95
CA PHE A 392 -8.59 31.88 22.37
C PHE A 392 -8.80 33.12 23.26
N SER A 393 -7.80 33.98 23.33
CA SER A 393 -7.91 35.18 24.17
C SER A 393 -9.10 36.05 23.77
N VAL A 394 -10.01 36.29 24.70
CA VAL A 394 -11.14 37.16 24.38
C VAL A 394 -10.66 38.61 24.19
N ALA A 395 -9.73 39.07 25.02
CA ALA A 395 -9.21 40.42 24.84
C ALA A 395 -8.58 40.56 23.45
N GLU A 396 -7.69 39.64 23.06
CA GLU A 396 -7.14 39.62 21.72
C GLU A 396 -8.19 39.71 20.60
N LEU A 397 -9.19 38.84 20.64
CA LEU A 397 -10.28 38.88 19.66
C LEU A 397 -11.00 40.23 19.62
N VAL A 398 -11.24 40.81 20.80
CA VAL A 398 -11.93 42.08 20.88
C VAL A 398 -11.09 43.23 20.30
N ALA A 399 -9.78 43.21 20.56
CA ALA A 399 -8.86 44.18 19.94
C ALA A 399 -8.98 44.17 18.42
N ALA A 400 -9.08 42.97 17.86
CA ALA A 400 -9.16 42.80 16.40
C ALA A 400 -10.48 43.25 15.83
N ILE A 401 -11.54 43.15 16.64
CA ILE A 401 -12.84 43.62 16.22
C ILE A 401 -12.91 45.15 16.23
N LYS A 402 -12.25 45.79 17.20
CA LYS A 402 -12.20 47.26 17.24
C LYS A 402 -11.41 47.90 16.09
N LYS A 403 -10.32 47.28 15.62
CA LYS A 403 -9.57 47.92 14.54
C LYS A 403 -10.44 48.03 13.30
N GLY A 404 -11.39 47.10 13.14
CA GLY A 404 -12.22 47.07 11.95
C GLY A 404 -11.45 46.84 10.66
N GLU A 405 -10.24 46.27 10.77
CA GLU A 405 -9.49 45.80 9.63
C GLU A 405 -9.76 44.31 9.51
N PRO A 406 -9.29 43.66 8.43
CA PRO A 406 -9.35 42.20 8.29
C PRO A 406 -8.60 41.53 9.42
N PHE A 407 -9.00 40.32 9.80
CA PHE A 407 -8.32 39.60 10.88
C PHE A 407 -8.48 38.10 10.66
N LYS A 408 -7.63 37.32 11.32
CA LYS A 408 -7.66 35.86 11.23
C LYS A 408 -8.11 35.39 12.60
N PHE A 409 -9.00 34.39 12.58
CA PHE A 409 -9.57 33.85 13.80
C PHE A 409 -10.05 32.42 13.56
N LEU A 410 -9.45 31.46 14.26
CA LEU A 410 -9.87 30.06 14.23
C LEU A 410 -10.13 29.51 12.84
N GLY A 411 -9.30 29.89 11.88
CA GLY A 411 -9.32 29.26 10.58
C GLY A 411 -10.08 30.07 9.56
N HIS A 412 -10.47 31.26 9.96
CA HIS A 412 -11.23 32.08 9.05
C HIS A 412 -10.57 33.42 8.92
N LYS A 413 -10.71 34.01 7.75
CA LYS A 413 -10.33 35.40 7.59
C LYS A 413 -11.61 36.24 7.47
N PHE A 414 -11.75 37.24 8.34
CA PHE A 414 -12.91 38.16 8.28
C PHE A 414 -12.57 39.47 7.57
N VAL A 415 -13.32 39.76 6.52
CA VAL A 415 -13.15 40.99 5.75
C VAL A 415 -14.45 41.77 5.57
N TYR A 416 -14.33 43.09 5.44
CA TYR A 416 -15.55 43.94 5.34
C TYR A 416 -15.93 44.31 3.91
N ALA A 417 -14.97 44.42 2.98
CA ALA A 417 -15.28 44.81 1.59
C ALA A 417 -16.05 43.66 0.97
N LYS A 418 -16.83 43.94 -0.09
CA LYS A 418 -17.75 43.01 -0.79
C LYS A 418 -17.10 41.69 -1.19
N ASP A 419 -15.94 41.73 -1.83
CA ASP A 419 -15.32 40.45 -2.23
C ASP A 419 -13.97 40.65 -2.89
N ALA A 420 -13.17 39.60 -2.82
CA ALA A 420 -11.88 39.44 -3.53
C ALA A 420 -12.02 38.08 -4.21
N ALA A 421 -13.23 37.82 -4.74
CA ALA A 421 -13.69 36.55 -5.35
C ALA A 421 -13.70 35.48 -4.25
N VAL A 422 -14.56 35.65 -3.24
CA VAL A 422 -14.60 34.69 -2.11
C VAL A 422 -16.03 35.00 -1.69
N SER A 423 -16.82 33.97 -1.39
CA SER A 423 -18.22 34.12 -0.95
C SER A 423 -19.33 33.93 0.08
N PHE A 424 -18.89 33.53 1.30
CA PHE A 424 -19.54 33.18 2.60
C PHE A 424 -19.73 34.45 3.42
N THR A 425 -20.94 34.97 3.46
CA THR A 425 -21.10 36.24 4.18
C THR A 425 -22.01 36.09 5.40
N LEU A 426 -21.71 36.89 6.44
CA LEU A 426 -22.54 37.02 7.63
C LEU A 426 -23.19 38.33 7.23
N ALA A 427 -24.29 38.69 7.89
CA ALA A 427 -24.97 39.94 7.55
C ALA A 427 -25.77 40.26 8.82
N LYS A 428 -26.59 41.30 8.77
CA LYS A 428 -27.42 41.73 9.90
C LYS A 428 -28.48 40.78 10.44
N ALA A 429 -28.62 39.64 9.77
CA ALA A 429 -29.62 38.65 10.11
C ALA A 429 -28.80 37.48 10.62
N ALA A 430 -27.67 37.78 11.24
CA ALA A 430 -26.85 36.71 11.77
C ALA A 430 -27.25 36.35 13.19
N THR A 431 -27.65 35.11 13.38
CA THR A 431 -27.78 34.54 14.69
C THR A 431 -26.42 34.36 15.36
N ILE A 432 -26.39 34.45 16.68
CA ILE A 432 -25.27 33.91 17.44
C ILE A 432 -24.95 32.45 16.98
N ALA A 433 -25.98 31.67 16.70
CA ALA A 433 -25.81 30.29 16.28
C ALA A 433 -25.27 30.18 14.85
N ASP A 434 -25.66 31.12 14.00
CA ASP A 434 -25.12 31.21 12.65
C ASP A 434 -23.60 31.36 12.65
N VAL A 435 -23.09 32.11 13.61
CA VAL A 435 -21.68 32.37 13.69
C VAL A 435 -20.97 31.17 14.31
N LEU A 436 -21.58 30.56 15.34
CA LEU A 436 -21.01 29.37 15.95
C LEU A 436 -20.87 28.23 14.95
N ARG A 437 -21.78 28.18 13.99
CA ARG A 437 -21.77 27.14 12.97
C ARG A 437 -20.46 27.14 12.18
N LEU A 438 -19.90 28.33 11.99
CA LEU A 438 -18.62 28.50 11.29
C LEU A 438 -17.52 27.67 11.92
N PHE A 439 -17.54 27.59 13.24
CA PHE A 439 -16.46 26.97 13.99
C PHE A 439 -16.86 25.68 14.68
N GLN A 440 -18.12 25.26 14.50
CA GLN A 440 -18.65 24.06 15.16
C GLN A 440 -17.63 22.92 15.13
N SER A 441 -17.27 22.42 16.31
CA SER A 441 -16.26 21.38 16.43
C SER A 441 -16.49 20.57 17.69
N ALA A 442 -15.54 19.73 18.07
CA ALA A 442 -15.66 18.98 19.32
C ALA A 442 -15.80 19.91 20.50
N ARG A 443 -15.06 21.02 20.47
CA ARG A 443 -15.08 21.98 21.56
C ARG A 443 -16.08 23.12 21.38
N VAL A 444 -16.33 23.49 20.13
CA VAL A 444 -17.22 24.63 19.86
C VAL A 444 -18.65 24.15 19.64
N LYS A 445 -19.50 24.34 20.65
CA LYS A 445 -20.90 23.90 20.60
C LYS A 445 -21.83 25.00 20.08
N VAL A 446 -22.81 24.61 19.29
CA VAL A 446 -23.77 25.55 18.71
C VAL A 446 -24.98 25.75 19.60
N GLU A 447 -25.16 24.88 20.59
CA GLU A 447 -26.36 24.90 21.43
C GLU A 447 -26.67 26.25 22.09
N ASP A 448 -27.89 26.73 21.90
CA ASP A 448 -28.36 27.98 22.52
C ASP A 448 -28.18 27.94 24.03
N VAL A 449 -27.40 28.89 24.54
CA VAL A 449 -26.98 28.91 25.93
C VAL A 449 -27.41 30.27 26.47
N TRP A 450 -27.72 31.19 25.55
CA TRP A 450 -28.08 32.57 25.90
C TRP A 450 -29.53 33.03 25.97
N SER A 451 -30.38 32.50 25.07
CA SER A 451 -31.72 33.09 24.84
C SER A 451 -32.78 32.76 25.92
N SER A 452 -32.46 31.80 26.78
CA SER A 452 -33.28 31.51 27.97
C SER A 452 -32.41 31.33 29.22
N LEU A 453 -33.00 31.60 30.38
CA LEU A 453 -32.32 31.32 31.64
C LEU A 453 -32.59 29.88 32.06
N THR A 454 -31.53 29.09 32.17
CA THR A 454 -31.60 27.71 32.65
C THR A 454 -30.38 27.45 33.51
N GLU A 455 -30.30 26.30 34.16
CA GLU A 455 -29.17 26.07 35.06
C GLU A 455 -27.89 25.68 34.31
N LYS A 456 -28.01 25.16 33.08
CA LYS A 456 -26.83 24.83 32.28
C LYS A 456 -26.36 26.09 31.57
N SER A 457 -27.33 26.94 31.23
CA SER A 457 -27.08 28.29 30.78
C SER A 457 -26.33 29.06 31.85
N PHE A 458 -26.83 29.00 33.08
CA PHE A 458 -26.09 29.63 34.17
C PHE A 458 -24.71 29.00 34.32
N GLU A 459 -24.59 27.72 34.02
CA GLU A 459 -23.36 27.00 34.30
C GLU A 459 -22.24 27.41 33.32
N PHE A 460 -22.60 27.47 32.05
CA PHE A 460 -21.70 27.99 31.04
C PHE A 460 -21.11 29.35 31.39
N TRP A 461 -21.99 30.32 31.69
CA TRP A 461 -21.55 31.69 31.91
C TRP A 461 -20.80 31.84 33.23
N ARG A 462 -21.04 30.93 34.17
CA ARG A 462 -20.36 31.07 35.44
C ARG A 462 -18.90 30.65 35.26
N LEU A 463 -18.70 29.60 34.48
CA LEU A 463 -17.37 29.08 34.18
C LEU A 463 -16.59 29.99 33.24
N ALA A 464 -17.29 30.49 32.22
CA ALA A 464 -16.70 31.47 31.32
C ALA A 464 -16.15 32.62 32.13
N TYR A 465 -16.97 33.12 33.06
CA TYR A 465 -16.60 34.20 33.96
C TYR A 465 -15.39 33.85 34.78
N GLY A 466 -15.22 32.56 35.07
CA GLY A 466 -14.04 32.11 35.78
C GLY A 466 -12.82 32.32 34.92
N LYS A 467 -12.94 31.94 33.66
CA LYS A 467 -11.87 32.06 32.67
C LYS A 467 -11.64 33.50 32.25
N VAL A 468 -12.71 34.18 31.84
CA VAL A 468 -12.59 35.59 31.45
C VAL A 468 -13.18 36.45 32.55
N ARG A 469 -12.33 36.92 33.44
CA ARG A 469 -12.82 37.56 34.64
C ARG A 469 -13.36 38.99 34.46
N ASN A 470 -13.35 39.48 33.21
CA ASN A 470 -13.99 40.75 32.89
C ASN A 470 -14.94 40.61 31.71
N LEU A 471 -15.46 39.40 31.48
CA LEU A 471 -16.39 39.15 30.37
C LEU A 471 -17.70 39.95 30.37
N GLU A 472 -17.99 40.61 31.50
CA GLU A 472 -19.06 41.62 31.64
C GLU A 472 -18.91 42.83 30.68
N GLU A 473 -17.68 43.28 30.47
CA GLU A 473 -17.32 44.41 29.60
C GLU A 473 -17.42 44.10 28.08
N PHE A 474 -17.42 42.83 27.68
CA PHE A 474 -17.32 42.51 26.26
C PHE A 474 -18.50 41.79 25.61
N VAL A 475 -19.55 41.53 26.38
CA VAL A 475 -20.71 40.84 25.81
C VAL A 475 -21.81 41.82 25.38
N LYS A 476 -22.07 41.90 24.08
CA LYS A 476 -22.94 42.95 23.61
C LYS A 476 -24.41 42.67 23.26
N THR A 477 -24.74 41.41 23.11
CA THR A 477 -26.12 41.05 22.88
C THR A 477 -26.86 41.26 24.21
N CYS A 478 -28.17 41.50 24.15
CA CYS A 478 -28.96 41.69 25.38
C CYS A 478 -29.10 40.38 26.15
N PHE A 479 -29.35 39.29 25.43
CA PHE A 479 -29.40 37.95 26.01
C PHE A 479 -28.14 37.60 26.85
N CYS A 480 -26.95 37.91 26.32
CA CYS A 480 -25.70 37.52 26.98
C CYS A 480 -25.36 38.50 28.09
N LYS A 481 -25.74 39.77 27.91
CA LYS A 481 -25.64 40.70 29.02
C LYS A 481 -26.55 40.25 30.18
N ALA A 482 -27.70 39.70 29.83
CA ALA A 482 -28.66 39.27 30.84
C ALA A 482 -28.07 38.11 31.67
N GLN A 483 -27.41 37.19 30.96
CA GLN A 483 -26.79 36.02 31.60
C GLN A 483 -25.61 36.42 32.47
N MET A 484 -24.84 37.39 32.00
CA MET A 484 -23.68 37.77 32.79
C MET A 484 -24.13 38.57 34.00
N ALA A 485 -25.16 39.40 33.82
CA ALA A 485 -25.80 40.09 34.96
C ALA A 485 -26.23 39.10 36.04
N ILE A 486 -26.91 38.03 35.64
CA ILE A 486 -27.31 37.00 36.61
C ILE A 486 -26.10 36.33 37.30
N VAL A 487 -25.05 36.00 36.54
CA VAL A 487 -23.82 35.44 37.11
C VAL A 487 -23.15 36.36 38.15
N ILE A 488 -23.02 37.64 37.81
CA ILE A 488 -22.47 38.65 38.73
C ILE A 488 -23.25 38.73 40.05
N LEU A 489 -24.57 38.72 39.94
CA LEU A 489 -25.42 38.75 41.15
C LEU A 489 -25.40 37.44 41.92
N ALA A 490 -24.87 36.38 41.30
CA ALA A 490 -24.77 35.10 41.99
C ALA A 490 -23.42 35.11 42.69
N THR A 491 -22.48 35.89 42.17
CA THR A 491 -21.14 35.86 42.74
C THR A 491 -21.01 36.99 43.79
N VAL A 492 -22.00 37.88 43.88
CA VAL A 492 -21.92 38.94 44.91
C VAL A 492 -22.73 38.57 46.16
N LEU A 493 -23.56 37.53 46.03
CA LEU A 493 -24.39 37.03 47.15
C LEU A 493 -23.50 36.08 47.95
N GLY A 494 -22.66 35.35 47.22
CA GLY A 494 -21.76 34.37 47.82
C GLY A 494 -22.38 32.99 47.76
N GLU A 495 -21.64 31.97 48.16
CA GLU A 495 -22.20 30.61 48.17
C GLU A 495 -23.10 30.49 49.39
N GLY A 496 -24.10 29.63 49.33
CA GLY A 496 -25.01 29.52 50.48
C GLY A 496 -26.22 30.37 50.20
N ILE A 497 -26.03 31.68 50.11
CA ILE A 497 -27.15 32.57 49.73
C ILE A 497 -27.56 32.12 48.33
N TRP A 498 -26.58 31.98 47.44
CA TRP A 498 -26.88 31.50 46.07
C TRP A 498 -27.57 30.14 46.12
N HIS A 499 -26.97 29.17 46.82
CA HIS A 499 -27.46 27.77 46.94
C HIS A 499 -28.98 27.70 47.09
N LEU A 500 -29.53 28.65 47.84
CA LEU A 500 -30.95 28.80 48.10
C LEU A 500 -31.69 29.46 46.94
N VAL A 501 -31.17 30.58 46.46
CA VAL A 501 -31.81 31.30 45.35
C VAL A 501 -31.88 30.42 44.12
N SER A 502 -30.91 29.50 44.02
CA SER A 502 -30.84 28.51 42.95
C SER A 502 -32.10 27.67 42.88
N GLN A 503 -32.55 27.25 44.06
CA GLN A 503 -33.72 26.38 44.16
C GLN A 503 -34.97 27.11 43.65
N VAL A 504 -34.91 28.43 43.55
CA VAL A 504 -35.92 29.15 42.79
C VAL A 504 -36.07 30.05 41.55
N ILE A 505 -34.93 30.53 41.04
CA ILE A 505 -34.79 31.65 40.09
C ILE A 505 -35.30 31.03 38.75
N TYR A 506 -35.04 29.74 38.52
CA TYR A 506 -35.41 29.12 37.24
C TYR A 506 -36.91 28.85 37.12
N LYS A 507 -37.66 29.15 38.16
CA LYS A 507 -39.11 28.94 38.16
C LYS A 507 -39.85 30.24 38.47
N VAL A 508 -39.16 31.38 38.38
CA VAL A 508 -39.81 32.68 38.43
C VAL A 508 -40.21 32.99 36.99
N GLY A 509 -41.50 32.88 36.68
CA GLY A 509 -41.98 33.17 35.34
C GLY A 509 -41.65 34.58 34.85
N GLY A 510 -41.23 34.66 33.59
CA GLY A 510 -40.96 35.93 32.95
C GLY A 510 -39.86 36.76 33.59
N LEU A 511 -39.01 36.13 34.41
CA LEU A 511 -37.89 36.81 35.04
C LEU A 511 -36.79 37.17 34.06
N PHE A 512 -36.43 36.21 33.22
CA PHE A 512 -35.34 36.41 32.27
C PHE A 512 -35.72 37.54 31.31
N THR A 513 -36.95 37.48 30.81
CA THR A 513 -37.50 38.53 29.95
C THR A 513 -37.39 39.88 30.63
N LYS A 514 -37.60 39.88 31.95
CA LYS A 514 -37.39 41.09 32.71
C LYS A 514 -35.94 41.50 32.56
N VAL A 515 -35.00 40.60 32.83
CA VAL A 515 -33.57 40.94 32.87
C VAL A 515 -33.04 41.36 31.48
N VAL A 516 -33.50 40.69 30.43
CA VAL A 516 -33.16 41.09 29.07
C VAL A 516 -33.56 42.55 28.76
N ASP A 517 -34.83 42.90 29.02
CA ASP A 517 -35.41 44.20 28.63
C ASP A 517 -34.76 45.41 29.30
N PHE A 518 -34.15 45.19 30.45
CA PHE A 518 -33.52 46.26 31.21
C PHE A 518 -32.06 46.39 30.82
N CYS A 519 -31.48 45.30 30.32
CA CYS A 519 -30.10 45.31 29.83
C CYS A 519 -30.01 46.00 28.47
N GLU A 520 -31.14 46.15 27.81
CA GLU A 520 -31.18 46.85 26.53
C GLU A 520 -30.98 48.34 26.71
N LYS A 521 -31.47 48.89 27.82
CA LYS A 521 -31.41 50.34 27.98
C LYS A 521 -30.70 50.86 29.24
N TYR A 522 -30.58 50.06 30.30
CA TYR A 522 -29.85 50.52 31.49
C TYR A 522 -28.58 49.73 31.83
N TRP A 523 -27.94 49.14 30.82
CA TRP A 523 -26.77 48.31 31.02
C TRP A 523 -25.54 49.06 31.55
N LYS A 524 -25.34 50.30 31.12
CA LYS A 524 -24.14 51.02 31.54
C LYS A 524 -24.07 51.19 33.06
N GLY A 525 -22.93 50.80 33.63
CA GLY A 525 -22.69 50.88 35.07
C GLY A 525 -23.51 49.90 35.89
N PHE A 526 -24.37 49.15 35.22
CA PHE A 526 -25.24 48.20 35.92
C PHE A 526 -24.45 47.20 36.74
N CYS A 527 -23.56 46.45 36.08
CA CYS A 527 -22.75 45.43 36.73
C CYS A 527 -21.86 46.02 37.81
N ALA A 528 -21.33 47.22 37.54
CA ALA A 528 -20.54 47.92 38.54
C ALA A 528 -21.38 48.18 39.79
N GLN A 529 -22.66 48.49 39.60
CA GLN A 529 -23.56 48.66 40.74
C GLN A 529 -23.82 47.36 41.51
N LEU A 530 -24.11 46.26 40.81
CA LEU A 530 -24.37 44.97 41.46
C LEU A 530 -23.27 44.55 42.44
N LYS A 531 -22.04 44.93 42.15
CA LYS A 531 -20.91 44.51 42.95
C LYS A 531 -20.97 45.00 44.41
N ARG A 532 -21.83 45.97 44.69
CA ARG A 532 -21.92 46.54 46.02
C ARG A 532 -23.19 46.09 46.73
N ALA A 533 -23.98 45.25 46.05
CA ALA A 533 -25.25 44.75 46.56
C ALA A 533 -25.10 43.84 47.77
N LYS A 534 -25.91 44.10 48.79
CA LYS A 534 -26.07 43.19 49.94
C LYS A 534 -27.55 42.86 50.10
N LEU A 535 -27.87 41.56 50.11
CA LEU A 535 -29.26 41.14 50.26
C LEU A 535 -29.71 41.35 51.70
N ILE A 536 -30.96 41.77 51.85
CA ILE A 536 -31.60 41.87 53.16
C ILE A 536 -33.10 41.59 53.03
N VAL A 537 -33.55 40.58 53.77
CA VAL A 537 -34.90 40.02 53.67
C VAL A 537 -35.76 39.86 54.92
N THR A 538 -36.76 40.73 55.08
CA THR A 538 -37.68 40.73 56.23
C THR A 538 -39.13 40.51 55.84
N GLU A 539 -40.00 40.34 56.84
CA GLU A 539 -41.40 39.93 56.64
C GLU A 539 -42.04 40.79 55.55
N THR A 540 -41.89 42.10 55.65
CA THR A 540 -42.40 43.04 54.67
C THR A 540 -41.44 43.41 53.54
N LEU A 541 -40.24 43.84 53.93
CA LEU A 541 -39.19 44.32 53.03
C LEU A 541 -38.18 43.34 52.41
N CYS A 542 -38.24 43.16 51.09
CA CYS A 542 -37.12 42.51 50.38
C CYS A 542 -36.26 43.37 49.46
N VAL A 543 -35.07 43.70 49.95
CA VAL A 543 -34.25 44.71 49.30
C VAL A 543 -32.86 44.20 48.84
N LEU A 544 -32.39 44.74 47.72
CA LEU A 544 -31.00 44.63 47.31
C LEU A 544 -30.28 45.93 47.68
N LYS A 545 -29.81 46.01 48.92
CA LYS A 545 -29.35 47.28 49.46
C LYS A 545 -28.07 47.75 48.82
N GLY A 546 -28.17 48.87 48.12
CA GLY A 546 -27.02 49.47 47.45
C GLY A 546 -27.21 49.60 45.95
N VAL A 547 -28.33 49.08 45.46
CA VAL A 547 -28.62 49.01 44.03
C VAL A 547 -29.99 49.65 44.01
N ALA A 548 -30.08 50.87 43.47
CA ALA A 548 -31.32 51.65 43.46
C ALA A 548 -32.08 51.38 42.17
N GLN A 549 -31.35 51.01 41.11
CA GLN A 549 -32.00 50.67 39.85
C GLN A 549 -31.57 49.24 39.57
N HIS A 550 -32.53 48.36 39.43
CA HIS A 550 -32.25 47.00 39.02
C HIS A 550 -33.49 46.19 38.77
N CYS A 551 -33.31 45.02 38.20
CA CYS A 551 -34.38 44.33 37.52
C CYS A 551 -34.89 43.03 38.11
N PHE A 552 -34.53 42.80 39.36
CA PHE A 552 -34.84 41.54 40.01
C PHE A 552 -35.93 41.57 41.06
N GLN A 553 -36.94 42.42 40.87
CA GLN A 553 -38.05 42.44 41.82
C GLN A 553 -38.68 41.06 41.85
N LEU A 554 -39.07 40.55 40.67
CA LEU A 554 -39.67 39.21 40.56
C LEU A 554 -38.88 38.19 41.37
N LEU A 555 -37.56 38.28 41.32
CA LEU A 555 -36.71 37.33 42.03
C LEU A 555 -36.68 37.61 43.54
N LEU A 556 -36.60 38.89 43.91
CA LEU A 556 -36.64 39.25 45.32
C LEU A 556 -37.96 38.77 45.98
N ASP A 557 -39.04 38.81 45.20
CA ASP A 557 -40.34 38.34 45.66
C ASP A 557 -40.30 36.87 46.04
N ALA A 558 -40.02 36.03 45.04
CA ALA A 558 -39.96 34.59 45.24
C ALA A 558 -38.96 34.22 46.33
N ILE A 559 -38.01 35.10 46.60
CA ILE A 559 -36.96 34.85 47.59
C ILE A 559 -37.54 34.90 48.99
N GLN A 560 -38.41 35.89 49.23
CA GLN A 560 -38.93 36.11 50.57
C GLN A 560 -40.15 35.27 50.88
N PHE A 561 -40.77 34.76 49.81
CA PHE A 561 -41.89 33.81 49.93
C PHE A 561 -41.27 32.46 50.30
N MET A 562 -40.02 32.25 49.87
CA MET A 562 -39.23 31.03 50.22
C MET A 562 -38.55 31.27 51.57
N TYR A 563 -38.55 32.53 52.02
CA TYR A 563 -38.04 32.95 53.36
C TYR A 563 -39.17 32.81 54.38
N LYS A 564 -40.38 32.47 53.91
CA LYS A 564 -41.56 32.20 54.74
C LYS A 564 -41.60 30.70 55.13
N SER A 565 -40.52 30.26 55.77
CA SER A 565 -40.29 28.89 56.27
C SER A 565 -39.16 28.94 57.30
N PHE A 566 -39.09 27.92 58.17
CA PHE A 566 -38.06 27.83 59.24
C PHE A 566 -38.03 29.10 60.08
N ARG A 567 -39.13 29.38 60.79
CA ARG A 567 -39.26 30.60 61.64
C ARG A 567 -38.75 30.19 63.03
N LYS A 568 -37.45 29.88 63.17
CA LYS A 568 -36.85 29.50 64.47
C LYS A 568 -36.74 30.82 65.21
N CYS A 569 -36.23 31.83 64.52
CA CYS A 569 -36.23 33.26 64.96
C CYS A 569 -36.23 34.58 65.72
N ALA A 570 -35.13 34.72 66.46
CA ALA A 570 -34.63 35.76 67.38
C ALA A 570 -34.69 37.18 66.82
N LEU A 571 -34.06 37.36 65.66
CA LEU A 571 -34.03 38.66 64.96
C LEU A 571 -34.53 38.43 63.54
N GLY A 572 -35.10 37.25 63.28
CA GLY A 572 -35.60 36.94 61.93
C GLY A 572 -35.49 35.45 61.65
N ARG A 573 -35.89 35.01 60.45
CA ARG A 573 -35.90 33.56 60.06
C ARG A 573 -34.49 32.95 59.93
N ILE A 574 -34.43 31.63 59.77
CA ILE A 574 -33.09 30.99 59.70
C ILE A 574 -33.08 29.72 58.83
N HIS A 575 -32.37 29.77 57.71
CA HIS A 575 -32.04 28.52 56.95
C HIS A 575 -30.86 28.10 57.82
N GLY A 576 -30.33 26.89 57.59
CA GLY A 576 -29.56 26.32 58.66
C GLY A 576 -28.49 27.03 59.42
N ASP A 577 -27.61 27.72 58.70
CA ASP A 577 -26.64 28.63 59.28
C ASP A 577 -26.59 30.05 58.74
N LEU A 578 -27.69 30.56 58.24
CA LEU A 578 -27.56 31.85 57.64
C LEU A 578 -28.81 32.27 58.36
N LEU A 579 -28.66 33.22 59.27
CA LEU A 579 -29.72 33.77 60.08
C LEU A 579 -29.70 35.14 59.43
N PHE A 580 -30.71 35.29 58.58
CA PHE A 580 -31.12 36.43 57.83
C PHE A 580 -31.89 37.23 58.85
N TRP A 581 -31.49 38.46 59.08
CA TRP A 581 -32.22 39.29 60.01
C TRP A 581 -32.26 40.54 59.22
N LYS A 582 -32.80 41.58 59.83
CA LYS A 582 -32.78 42.88 59.19
C LYS A 582 -31.50 43.57 58.84
N GLY A 583 -30.43 43.17 59.50
CA GLY A 583 -29.11 43.36 58.96
C GLY A 583 -29.32 42.27 57.92
N GLY A 584 -28.43 42.15 56.96
CA GLY A 584 -28.67 41.22 55.87
C GLY A 584 -28.21 39.84 56.28
N VAL A 585 -28.30 38.89 55.36
CA VAL A 585 -27.90 37.49 55.65
C VAL A 585 -26.42 37.46 56.05
N HIS A 586 -26.11 36.98 57.25
CA HIS A 586 -24.71 36.93 57.72
C HIS A 586 -24.38 35.74 58.64
N LYS A 587 -23.16 35.21 58.52
CA LYS A 587 -22.63 34.06 59.32
C LYS A 587 -21.25 34.31 59.96
N ILE A 588 -21.16 35.29 60.86
CA ILE A 588 -19.92 35.72 61.57
C ILE A 588 -18.66 35.71 60.68
N ILE A 589 -17.55 35.15 61.17
CA ILE A 589 -16.22 35.10 60.49
C ILE A 589 -15.82 36.49 59.97
N GLN A 590 -15.30 36.52 58.72
CA GLN A 590 -14.84 37.66 57.86
C GLN A 590 -14.20 38.84 58.58
N GLU A 591 -14.38 40.02 57.96
CA GLU A 591 -13.98 41.41 58.29
C GLU A 591 -12.69 41.60 59.10
N GLY A 592 -12.67 42.55 60.05
CA GLY A 592 -11.42 42.79 60.79
C GLY A 592 -11.54 43.84 61.89
N ASP A 593 -12.23 43.44 62.97
CA ASP A 593 -12.56 44.07 64.30
C ASP A 593 -14.03 43.91 64.71
N GLU A 594 -14.62 42.71 64.46
CA GLU A 594 -15.89 42.34 65.08
C GLU A 594 -17.15 42.95 64.47
N ILE A 595 -17.07 43.50 63.26
CA ILE A 595 -18.18 44.33 62.78
C ILE A 595 -19.61 43.80 62.71
N TRP A 596 -20.51 44.73 63.02
CA TRP A 596 -21.88 44.49 63.46
C TRP A 596 -22.44 43.09 63.25
N LEU B 13 -6.13 -1.55 56.50
CA LEU B 13 -7.22 -1.27 57.43
C LEU B 13 -8.16 -0.17 56.91
N ARG B 14 -8.64 -0.32 55.68
CA ARG B 14 -9.36 0.75 55.00
C ARG B 14 -10.46 0.10 54.12
N ASP B 15 -11.45 0.88 53.65
CA ASP B 15 -12.65 0.38 52.97
C ASP B 15 -12.09 -0.69 52.07
N VAL B 16 -12.63 -1.89 52.18
CA VAL B 16 -12.37 -2.95 51.23
C VAL B 16 -13.81 -3.48 51.13
N ILE B 17 -14.61 -2.67 50.43
CA ILE B 17 -16.04 -2.87 50.32
C ILE B 17 -16.33 -4.22 49.70
N LEU B 18 -17.35 -4.90 50.21
CA LEU B 18 -17.76 -6.16 49.62
C LEU B 18 -19.03 -5.99 48.78
N VAL B 19 -19.17 -6.85 47.78
CA VAL B 19 -20.35 -6.84 46.91
C VAL B 19 -20.73 -8.28 46.56
N SER B 20 -22.03 -8.56 46.56
CA SER B 20 -22.48 -9.92 46.29
C SER B 20 -22.42 -10.23 44.79
N LYS B 21 -21.92 -11.41 44.48
CA LYS B 21 -21.68 -11.84 43.10
C LYS B 21 -22.93 -11.71 42.24
N ASP B 22 -24.11 -11.79 42.85
CA ASP B 22 -25.36 -11.74 42.08
C ASP B 22 -25.65 -10.38 42.73
N ILE B 23 -26.11 -9.42 41.93
CA ILE B 23 -26.53 -8.14 42.50
C ILE B 23 -27.19 -8.13 41.12
N PRO B 24 -28.45 -7.70 41.06
CA PRO B 24 -29.20 -7.56 39.80
C PRO B 24 -28.69 -6.33 39.04
N GLU B 25 -29.11 -6.20 37.79
CA GLU B 25 -28.49 -5.26 36.86
C GLU B 25 -28.60 -3.78 37.26
N GLN B 26 -29.75 -3.37 37.78
CA GLN B 26 -30.00 -1.95 38.03
C GLN B 26 -29.02 -1.36 39.05
N LEU B 27 -28.58 -2.17 40.01
CA LEU B 27 -27.69 -1.70 41.05
C LEU B 27 -26.25 -1.91 40.62
N CYS B 28 -26.04 -3.03 39.93
CA CYS B 28 -24.75 -3.28 39.28
C CYS B 28 -24.39 -2.09 38.41
N ASP B 29 -25.37 -1.58 37.67
CA ASP B 29 -25.18 -0.36 36.90
C ASP B 29 -24.87 0.79 37.84
N ALA B 30 -25.77 1.01 38.78
CA ALA B 30 -25.72 2.11 39.75
C ALA B 30 -24.38 2.22 40.48
N LEU B 31 -23.85 1.07 40.89
CA LEU B 31 -22.54 1.00 41.51
C LEU B 31 -21.46 1.45 40.54
N PHE B 32 -21.45 0.85 39.35
CA PHE B 32 -20.42 1.15 38.38
C PHE B 32 -20.49 2.61 37.97
N PHE B 33 -21.69 3.18 38.06
CA PHE B 33 -21.93 4.55 37.61
C PHE B 33 -21.27 5.57 38.54
N TYR B 34 -20.54 5.08 39.54
CA TYR B 34 -19.72 5.95 40.37
C TYR B 34 -18.40 6.23 39.68
N THR B 35 -18.14 5.52 38.57
CA THR B 35 -16.86 5.57 37.89
C THR B 35 -16.43 6.98 37.49
N SER B 36 -15.12 7.18 37.39
CA SER B 36 -14.57 8.50 37.12
C SER B 36 -13.92 8.54 35.75
N HIS B 37 -13.87 7.37 35.11
CA HIS B 37 -13.21 7.20 33.82
C HIS B 37 -13.98 7.88 32.70
N ASN B 38 -13.30 8.75 31.97
CA ASN B 38 -13.85 9.36 30.76
C ASN B 38 -13.51 8.52 29.52
N PRO B 39 -14.53 7.97 28.84
CA PRO B 39 -14.33 7.19 27.61
C PRO B 39 -14.29 8.07 26.37
N LYS B 40 -13.40 7.75 25.43
CA LYS B 40 -13.25 8.53 24.20
C LYS B 40 -14.25 8.11 23.13
N ASP B 41 -14.79 6.90 23.26
CA ASP B 41 -15.79 6.38 22.33
C ASP B 41 -16.50 5.15 22.87
N TYR B 42 -17.35 4.55 22.04
CA TYR B 42 -18.13 3.43 22.50
C TYR B 42 -17.24 2.23 22.82
N ALA B 43 -16.15 2.07 22.08
CA ALA B 43 -15.28 0.92 22.26
C ALA B 43 -14.58 0.95 23.62
N ASP B 44 -14.17 2.14 24.04
CA ASP B 44 -13.57 2.32 25.36
C ASP B 44 -14.61 2.05 26.46
N ALA B 45 -15.77 2.69 26.33
CA ALA B 45 -16.83 2.58 27.33
C ALA B 45 -17.23 1.12 27.51
N PHE B 46 -17.37 0.41 26.40
CA PHE B 46 -17.72 -1.00 26.46
C PHE B 46 -16.59 -1.82 27.07
N ALA B 47 -15.36 -1.41 26.81
CA ALA B 47 -14.21 -2.13 27.33
C ALA B 47 -14.16 -2.01 28.86
N VAL B 48 -14.16 -0.78 29.36
CA VAL B 48 -14.02 -0.52 30.79
C VAL B 48 -15.15 -1.18 31.60
N ARG B 49 -16.37 -1.12 31.09
CA ARG B 49 -17.49 -1.75 31.79
C ARG B 49 -17.35 -3.26 31.88
N GLN B 50 -16.86 -3.88 30.81
CA GLN B 50 -16.75 -5.33 30.78
C GLN B 50 -15.54 -5.82 31.59
N LYS B 51 -14.50 -4.99 31.62
CA LYS B 51 -13.36 -5.17 32.53
C LYS B 51 -13.89 -5.31 33.95
N PHE B 52 -14.52 -4.24 34.43
CA PHE B 52 -15.18 -4.18 35.74
C PHE B 52 -16.10 -5.37 36.02
N ASP B 53 -17.00 -5.65 35.08
CA ASP B 53 -17.95 -6.75 35.21
C ASP B 53 -17.28 -8.07 35.55
N ARG B 54 -16.35 -8.50 34.70
CA ARG B 54 -15.65 -9.76 34.92
C ARG B 54 -14.80 -9.75 36.20
N ASN B 55 -14.50 -8.55 36.70
CA ASN B 55 -13.62 -8.45 37.86
C ASN B 55 -14.27 -8.87 39.17
N LEU B 56 -15.61 -8.83 39.24
CA LEU B 56 -16.25 -9.30 40.45
C LEU B 56 -16.50 -10.81 40.37
N GLN B 57 -16.90 -11.34 39.23
CA GLN B 57 -17.18 -12.77 39.14
C GLN B 57 -15.93 -13.60 39.46
N THR B 58 -14.78 -12.95 39.48
CA THR B 58 -13.53 -13.59 39.86
C THR B 58 -13.57 -14.10 41.29
N GLY B 59 -13.74 -13.16 42.21
CA GLY B 59 -13.48 -13.42 43.61
C GLY B 59 -12.09 -12.94 44.02
N LYS B 60 -11.53 -11.97 43.27
CA LYS B 60 -10.23 -11.36 43.57
C LYS B 60 -10.40 -9.85 43.87
N GLN B 61 -9.49 -9.31 44.66
CA GLN B 61 -9.58 -7.89 44.98
C GLN B 61 -9.02 -6.95 43.95
N PHE B 62 -9.60 -5.75 43.83
CA PHE B 62 -9.20 -4.81 42.81
C PHE B 62 -9.67 -3.40 43.10
N LYS B 63 -8.86 -2.44 42.64
CA LYS B 63 -9.09 -1.02 42.71
C LYS B 63 -10.19 -0.53 41.77
N PHE B 64 -11.09 0.31 42.29
CA PHE B 64 -12.15 0.92 41.49
C PHE B 64 -12.21 2.44 41.62
N GLU B 65 -11.43 3.14 40.80
CA GLU B 65 -11.37 4.60 40.89
C GLU B 65 -12.71 5.25 40.58
N THR B 66 -13.14 6.18 41.44
CA THR B 66 -14.45 6.84 41.28
C THR B 66 -14.43 8.35 41.43
N VAL B 67 -15.63 8.93 41.35
CA VAL B 67 -15.84 10.34 41.65
C VAL B 67 -15.57 10.62 43.13
N CYS B 68 -15.79 9.59 43.96
CA CYS B 68 -15.55 9.66 45.39
C CYS B 68 -14.14 9.21 45.70
N GLY B 69 -13.26 9.29 44.70
CA GLY B 69 -11.88 8.89 44.83
C GLY B 69 -11.70 7.37 44.90
N LEU B 70 -10.55 6.95 45.41
CA LEU B 70 -10.20 5.54 45.36
C LEU B 70 -11.00 4.62 46.30
N PHE B 71 -11.33 3.44 45.81
CA PHE B 71 -11.87 2.38 46.66
C PHE B 71 -11.27 1.04 46.25
N LEU B 72 -11.63 -0.02 46.97
CA LEU B 72 -11.30 -1.39 46.55
C LEU B 72 -12.50 -2.38 46.79
N LEU B 73 -12.87 -3.15 45.76
CA LEU B 73 -14.05 -4.05 45.76
C LEU B 73 -13.81 -5.53 45.42
N LYS B 74 -14.56 -6.40 46.10
CA LYS B 74 -14.55 -7.86 45.85
C LYS B 74 -15.93 -8.42 46.17
N GLY B 75 -16.17 -9.71 45.90
CA GLY B 75 -17.48 -10.32 46.19
C GLY B 75 -17.45 -11.81 45.93
N VAL B 76 -18.27 -12.60 46.62
CA VAL B 76 -18.26 -14.08 46.38
C VAL B 76 -19.47 -14.84 46.92
N ASP B 77 -20.49 -15.04 46.09
CA ASP B 77 -21.69 -15.85 46.42
C ASP B 77 -22.40 -15.44 47.72
N LYS B 78 -22.72 -16.43 48.57
CA LYS B 78 -23.42 -16.24 49.85
C LYS B 78 -22.40 -15.69 50.85
N ILE B 79 -22.61 -14.45 51.27
CA ILE B 79 -21.72 -13.78 52.26
C ILE B 79 -22.09 -14.28 53.66
N THR B 80 -21.09 -14.54 54.51
CA THR B 80 -21.36 -15.06 55.88
C THR B 80 -21.92 -13.95 56.77
N PRO B 81 -22.60 -14.27 57.89
CA PRO B 81 -23.21 -13.25 58.75
C PRO B 81 -22.21 -12.58 59.70
N GLY B 82 -22.07 -11.24 59.58
CA GLY B 82 -21.19 -10.47 60.46
C GLY B 82 -19.74 -10.46 60.03
N VAL B 83 -19.17 -9.25 59.88
CA VAL B 83 -17.75 -8.95 59.52
C VAL B 83 -17.71 -7.43 59.69
N PRO B 84 -16.56 -6.81 60.01
CA PRO B 84 -16.49 -5.35 60.19
C PRO B 84 -16.07 -4.89 58.79
N ALA B 85 -17.07 -4.65 57.92
CA ALA B 85 -16.85 -4.25 56.51
C ALA B 85 -18.20 -3.68 56.07
N LYS B 86 -18.20 -2.83 55.04
CA LYS B 86 -19.48 -2.29 54.52
C LYS B 86 -19.81 -3.36 53.48
N VAL B 87 -21.06 -3.82 53.41
CA VAL B 87 -21.37 -4.91 52.44
C VAL B 87 -22.62 -4.57 51.64
N LEU B 88 -22.53 -4.69 50.31
CA LEU B 88 -23.69 -4.44 49.44
C LEU B 88 -24.30 -5.79 49.07
N LYS B 89 -25.39 -6.18 49.74
CA LYS B 89 -26.03 -7.47 49.47
C LYS B 89 -26.84 -7.48 48.18
N ALA B 90 -27.32 -8.67 47.80
CA ALA B 90 -28.04 -8.88 46.54
C ALA B 90 -29.30 -8.02 46.39
N THR B 91 -29.86 -7.60 47.52
CA THR B 91 -31.01 -6.69 47.52
C THR B 91 -30.80 -5.31 48.11
N SER B 92 -29.58 -4.79 47.99
CA SER B 92 -29.25 -3.46 48.47
C SER B 92 -29.68 -2.36 47.48
N LYS B 93 -30.15 -1.24 48.01
CA LYS B 93 -30.48 -0.08 47.17
C LYS B 93 -29.58 1.15 47.25
N LEU B 94 -29.85 2.15 46.41
CA LEU B 94 -28.98 3.31 46.28
C LEU B 94 -28.64 4.02 47.59
N ALA B 95 -29.57 3.96 48.55
CA ALA B 95 -29.34 4.56 49.86
C ALA B 95 -28.13 3.91 50.53
N ASP B 96 -28.13 2.59 50.61
CA ASP B 96 -27.02 1.84 51.22
C ASP B 96 -25.75 1.95 50.38
N LEU B 97 -25.90 2.38 49.14
CA LEU B 97 -24.77 2.63 48.25
C LEU B 97 -24.14 4.01 48.43
N GLU B 98 -24.90 4.89 49.08
CA GLU B 98 -24.45 6.26 49.35
C GLU B 98 -23.94 6.30 50.79
N ASP B 99 -24.14 5.20 51.53
CA ASP B 99 -23.59 5.07 52.89
C ASP B 99 -22.11 4.89 52.62
N ILE B 100 -21.84 4.10 51.59
CA ILE B 100 -20.51 3.62 51.28
C ILE B 100 -19.57 4.57 50.56
N PHE B 101 -20.03 5.07 49.41
CA PHE B 101 -19.21 5.94 48.58
C PHE B 101 -19.69 7.36 48.76
N GLY B 102 -21.00 7.55 48.74
CA GLY B 102 -21.58 8.86 48.98
C GLY B 102 -22.36 9.39 47.79
N VAL B 103 -21.82 10.43 47.15
CA VAL B 103 -22.56 11.14 46.13
C VAL B 103 -22.07 10.95 44.69
N SER B 104 -22.96 10.48 43.83
CA SER B 104 -22.75 10.44 42.39
C SER B 104 -23.85 11.20 41.63
N PRO B 105 -23.52 12.42 41.14
CA PRO B 105 -24.46 13.30 40.44
C PRO B 105 -25.16 12.61 39.28
N PHE B 106 -24.66 11.44 38.89
CA PHE B 106 -25.11 10.71 37.72
C PHE B 106 -25.91 9.47 38.12
N ALA B 107 -25.44 8.75 39.13
CA ALA B 107 -26.14 7.55 39.61
C ALA B 107 -27.56 7.89 40.04
N ARG B 108 -27.78 9.13 40.46
CA ARG B 108 -29.10 9.58 40.86
C ARG B 108 -29.93 9.93 39.64
N LYS B 109 -29.30 10.60 38.69
CA LYS B 109 -29.93 10.87 37.40
C LYS B 109 -30.45 9.56 36.82
N TYR B 110 -29.66 8.53 37.06
CA TYR B 110 -29.98 7.18 36.63
C TYR B 110 -31.28 6.69 37.27
N ARG B 111 -31.39 6.75 38.59
CA ARG B 111 -32.59 6.23 39.23
C ARG B 111 -33.79 7.15 38.92
N GLU B 112 -33.51 8.44 38.74
CA GLU B 112 -34.52 9.36 38.21
C GLU B 112 -35.09 8.84 36.88
N LEU B 113 -34.19 8.44 35.97
CA LEU B 113 -34.60 7.87 34.68
C LEU B 113 -35.32 6.55 34.85
N LEU B 114 -34.87 5.74 35.81
CA LEU B 114 -35.49 4.45 36.09
C LEU B 114 -36.95 4.59 36.54
N LYS B 115 -37.24 5.60 37.35
CA LYS B 115 -38.60 5.82 37.86
C LYS B 115 -39.56 6.04 36.70
N THR B 116 -39.14 6.90 35.77
CA THR B 116 -39.94 7.26 34.61
C THR B 116 -40.05 6.15 33.59
N ALA B 117 -39.52 4.96 33.90
CA ALA B 117 -39.51 3.86 32.94
C ALA B 117 -40.92 3.43 32.49
N CYS B 118 -41.94 3.80 33.25
CA CYS B 118 -43.32 3.59 32.82
C CYS B 118 -43.90 4.48 31.73
N GLN B 119 -43.47 5.75 31.69
CA GLN B 119 -43.88 6.66 30.61
C GLN B 119 -43.11 6.61 29.27
N TRP B 120 -41.78 6.46 29.30
CA TRP B 120 -41.00 6.66 28.08
C TRP B 120 -40.82 5.29 27.42
N SER B 121 -41.11 4.19 28.12
CA SER B 121 -40.92 2.84 27.57
C SER B 121 -42.22 2.18 27.10
N LEU B 122 -43.27 2.98 26.97
CA LEU B 122 -44.62 2.51 26.66
C LEU B 122 -44.81 2.15 25.18
N THR B 123 -44.37 3.07 24.30
CA THR B 123 -44.46 2.87 22.85
C THR B 123 -43.12 3.03 22.11
N VAL B 124 -43.13 2.67 20.82
CA VAL B 124 -41.99 2.96 19.96
C VAL B 124 -41.75 4.48 20.00
N GLU B 125 -42.82 5.25 19.79
CA GLU B 125 -42.74 6.70 19.77
C GLU B 125 -42.19 7.25 21.07
N ALA B 126 -42.70 6.80 22.20
CA ALA B 126 -42.19 7.34 23.44
C ALA B 126 -40.73 6.90 23.65
N LEU B 127 -40.35 5.71 23.17
CA LEU B 127 -38.97 5.24 23.28
C LEU B 127 -38.03 6.10 22.43
N ASP B 128 -38.43 6.39 21.20
CA ASP B 128 -37.58 7.17 20.32
C ASP B 128 -37.49 8.56 20.93
N VAL B 129 -38.63 9.09 21.37
CA VAL B 129 -38.69 10.43 21.97
C VAL B 129 -37.80 10.63 23.20
N ARG B 130 -37.61 9.59 24.02
CA ARG B 130 -36.75 9.71 25.18
C ARG B 130 -35.28 9.66 24.76
N ALA B 131 -35.02 8.90 23.69
CA ALA B 131 -33.68 8.67 23.15
C ALA B 131 -33.05 9.84 22.38
N GLN B 132 -33.85 10.76 21.86
CA GLN B 132 -33.30 11.89 21.10
C GLN B 132 -33.09 13.01 22.10
N THR B 133 -33.74 12.92 23.24
CA THR B 133 -33.67 14.00 24.21
C THR B 133 -32.95 13.55 25.47
N LEU B 134 -32.15 12.48 25.40
CA LEU B 134 -31.30 12.12 26.55
C LEU B 134 -30.12 13.06 26.82
N ASP B 135 -29.82 13.97 25.90
CA ASP B 135 -28.67 14.84 26.10
C ASP B 135 -29.18 16.17 26.68
N GLU B 136 -30.47 16.24 26.98
CA GLU B 136 -31.05 17.37 27.70
C GLU B 136 -30.53 17.07 29.10
N ILE B 137 -30.67 15.82 29.52
CA ILE B 137 -30.45 15.44 30.90
C ILE B 137 -29.15 14.69 31.25
N PHE B 138 -28.59 14.01 30.27
CA PHE B 138 -27.30 13.35 30.43
C PHE B 138 -26.25 13.93 29.49
N ASP B 139 -24.98 13.79 29.87
CA ASP B 139 -23.88 14.32 29.07
C ASP B 139 -23.28 13.20 28.20
N PRO B 140 -22.42 13.56 27.22
CA PRO B 140 -21.87 12.60 26.26
C PRO B 140 -21.20 11.40 26.95
N THR B 141 -20.49 11.65 28.04
CA THR B 141 -19.91 10.58 28.82
C THR B 141 -20.96 9.65 29.43
N GLU B 142 -21.98 10.24 30.05
CA GLU B 142 -23.01 9.44 30.70
C GLU B 142 -23.89 8.72 29.67
N ILE B 143 -24.11 9.38 28.54
CA ILE B 143 -24.89 8.78 27.46
C ILE B 143 -24.24 7.48 26.97
N LEU B 144 -22.91 7.46 26.85
CA LEU B 144 -22.21 6.25 26.42
C LEU B 144 -22.28 5.15 27.49
N TRP B 145 -22.13 5.55 28.76
CA TRP B 145 -22.25 4.60 29.88
C TRP B 145 -23.63 3.98 29.88
N LEU B 146 -24.62 4.81 29.58
CA LEU B 146 -25.98 4.35 29.42
C LEU B 146 -26.09 3.39 28.25
N GLN B 147 -25.41 3.73 27.15
CA GLN B 147 -25.43 2.90 25.95
C GLN B 147 -24.73 1.56 26.19
N VAL B 148 -24.02 1.47 27.31
CA VAL B 148 -23.30 0.26 27.67
C VAL B 148 -23.88 -0.39 28.95
N ALA B 149 -24.88 0.26 29.52
CA ALA B 149 -25.53 -0.20 30.75
C ALA B 149 -26.00 -1.65 30.75
N ALA B 150 -26.07 -2.26 31.94
CA ALA B 150 -26.45 -3.66 32.09
C ALA B 150 -27.95 -3.87 32.05
N LYS B 151 -28.72 -2.88 32.50
CA LYS B 151 -30.16 -3.03 32.44
C LYS B 151 -30.62 -2.83 31.00
N ILE B 152 -31.06 -3.91 30.37
CA ILE B 152 -31.46 -3.88 28.96
C ILE B 152 -32.43 -2.74 28.67
N HIS B 153 -33.41 -2.55 29.55
CA HIS B 153 -34.45 -1.54 29.40
C HIS B 153 -33.84 -0.19 29.00
N VAL B 154 -32.60 0.03 29.44
CA VAL B 154 -31.98 1.35 29.40
C VAL B 154 -30.93 1.47 28.29
N SER B 155 -30.06 0.47 28.19
CA SER B 155 -29.06 0.46 27.15
C SER B 155 -29.76 0.34 25.78
N SER B 156 -30.75 -0.55 25.71
CA SER B 156 -31.52 -0.73 24.48
C SER B 156 -32.22 0.56 23.98
N MET B 157 -32.67 1.38 24.93
CA MET B 157 -33.26 2.70 24.70
C MET B 157 -32.21 3.69 24.19
N ALA B 158 -31.07 3.65 24.86
CA ALA B 158 -30.05 4.64 24.63
C ALA B 158 -29.25 4.29 23.38
N MET B 159 -29.22 3.01 23.01
CA MET B 159 -28.54 2.62 21.79
C MET B 159 -29.26 3.13 20.52
N ARG B 160 -30.53 3.55 20.65
CA ARG B 160 -31.29 3.97 19.46
C ARG B 160 -30.73 5.22 18.80
N ARG B 161 -30.03 6.04 19.59
CA ARG B 161 -29.49 7.25 19.00
C ARG B 161 -28.22 6.90 18.21
N LEU B 162 -27.71 5.68 18.40
CA LEU B 162 -26.47 5.28 17.71
C LEU B 162 -26.72 4.88 16.26
N VAL B 163 -27.94 4.41 15.98
CA VAL B 163 -28.34 4.02 14.63
C VAL B 163 -28.12 5.15 13.61
N GLY B 164 -28.69 6.31 13.90
CA GLY B 164 -28.51 7.47 13.04
C GLY B 164 -27.05 7.87 12.96
N GLU B 165 -26.29 7.59 14.01
CA GLU B 165 -24.88 7.98 14.03
C GLU B 165 -24.09 7.06 13.12
N VAL B 166 -24.32 5.76 13.27
CA VAL B 166 -23.71 4.79 12.38
C VAL B 166 -24.10 5.09 10.92
N THR B 167 -25.33 5.54 10.69
CA THR B 167 -25.80 5.72 9.32
C THR B 167 -25.07 6.85 8.61
N ALA B 168 -24.92 7.98 9.28
CA ALA B 168 -24.20 9.11 8.71
C ALA B 168 -22.74 8.75 8.41
N LYS B 169 -22.12 7.95 9.27
CA LYS B 169 -20.77 7.49 9.01
C LYS B 169 -20.68 6.66 7.74
N VAL B 170 -21.68 5.81 7.49
CA VAL B 170 -21.68 4.99 6.29
C VAL B 170 -21.85 5.89 5.05
N MET B 171 -22.74 6.87 5.11
CA MET B 171 -22.90 7.74 3.93
C MET B 171 -21.61 8.54 3.67
N ASP B 172 -20.87 8.90 4.72
CA ASP B 172 -19.56 9.55 4.58
C ASP B 172 -18.55 8.61 3.95
N ALA B 173 -18.42 7.41 4.52
CA ALA B 173 -17.48 6.41 4.03
C ALA B 173 -17.73 6.03 2.56
N LEU B 174 -18.96 6.20 2.09
CA LEU B 174 -19.30 5.83 0.74
C LEU B 174 -18.84 6.88 -0.25
N GLY B 175 -19.13 8.14 0.01
CA GLY B 175 -18.74 9.20 -0.90
C GLY B 175 -19.82 9.60 -1.88
N SER B 176 -19.75 10.85 -2.34
CA SER B 176 -20.74 11.37 -3.30
C SER B 176 -20.84 10.52 -4.57
N ASN B 177 -19.73 9.91 -4.99
CA ASN B 177 -19.75 9.10 -6.19
C ASN B 177 -20.80 7.99 -6.16
N LEU B 178 -21.01 7.32 -5.03
CA LEU B 178 -22.02 6.27 -5.08
C LEU B 178 -22.94 6.96 -4.07
N SER B 179 -23.87 7.76 -4.59
CA SER B 179 -24.81 8.49 -3.74
C SER B 179 -26.11 7.87 -4.20
N ALA B 180 -26.11 7.37 -5.43
CA ALA B 180 -27.27 6.67 -5.99
C ALA B 180 -27.40 5.28 -5.36
N LEU B 181 -26.60 5.00 -4.36
CA LEU B 181 -26.64 3.73 -3.66
C LEU B 181 -26.92 3.98 -2.20
N PHE B 182 -27.07 5.26 -1.84
CA PHE B 182 -27.29 5.65 -0.44
C PHE B 182 -28.54 4.95 0.08
N GLN B 183 -29.65 5.11 -0.64
CA GLN B 183 -30.93 4.56 -0.21
C GLN B 183 -30.92 3.03 -0.01
N ILE B 184 -30.25 2.27 -0.89
CA ILE B 184 -30.16 0.82 -0.64
C ILE B 184 -29.59 0.60 0.76
N PHE B 185 -28.43 1.22 1.00
CA PHE B 185 -27.70 1.11 2.25
C PHE B 185 -28.51 1.51 3.45
N LYS B 186 -29.04 2.73 3.39
CA LYS B 186 -29.83 3.29 4.46
C LYS B 186 -30.98 2.35 4.82
N GLN B 187 -31.67 1.84 3.79
CA GLN B 187 -32.79 0.92 4.00
C GLN B 187 -32.40 -0.40 4.69
N GLN B 188 -31.26 -0.99 4.34
CA GLN B 188 -30.86 -2.20 5.04
C GLN B 188 -30.38 -1.88 6.45
N ILE B 189 -29.76 -0.72 6.63
CA ILE B 189 -29.34 -0.29 7.95
C ILE B 189 -30.56 -0.14 8.87
N VAL B 190 -31.61 0.50 8.36
CA VAL B 190 -32.84 0.65 9.10
C VAL B 190 -33.48 -0.71 9.39
N ARG B 191 -33.64 -1.53 8.37
CA ARG B 191 -34.23 -2.85 8.58
C ARG B 191 -33.42 -3.70 9.57
N ILE B 192 -32.09 -3.71 9.47
CA ILE B 192 -31.33 -4.57 10.37
C ILE B 192 -31.25 -3.99 11.79
N PHE B 193 -31.24 -2.67 11.95
CA PHE B 193 -31.16 -2.12 13.31
C PHE B 193 -32.48 -2.19 14.04
N GLN B 194 -33.59 -2.04 13.32
CA GLN B 194 -34.90 -2.21 13.93
C GLN B 194 -35.01 -3.60 14.56
N LYS B 195 -34.77 -4.64 13.76
CA LYS B 195 -34.84 -6.02 14.26
C LYS B 195 -33.85 -6.27 15.43
N ALA B 196 -32.66 -5.68 15.38
CA ALA B 196 -31.70 -5.87 16.48
C ALA B 196 -32.20 -5.21 17.78
N LEU B 197 -32.68 -3.97 17.68
CA LEU B 197 -33.15 -3.21 18.86
C LEU B 197 -34.63 -3.43 19.28
N ALA B 198 -35.36 -4.30 18.57
CA ALA B 198 -36.82 -4.44 18.79
C ALA B 198 -37.22 -4.76 20.23
N ILE B 199 -38.14 -3.97 20.77
CA ILE B 199 -38.65 -4.13 22.14
C ILE B 199 -39.95 -4.96 22.22
N PHE B 200 -40.76 -4.93 21.17
CA PHE B 200 -42.12 -5.47 21.25
C PHE B 200 -42.32 -6.80 20.53
N GLU B 201 -41.38 -7.17 19.68
CA GLU B 201 -41.40 -8.48 19.03
C GLU B 201 -40.16 -9.24 19.47
N ASN B 202 -40.19 -10.57 19.31
CA ASN B 202 -39.02 -11.42 19.59
C ASN B 202 -38.40 -11.12 20.96
N VAL B 203 -39.25 -11.06 21.99
CA VAL B 203 -38.86 -10.57 23.33
C VAL B 203 -37.95 -11.53 24.10
N SER B 204 -38.21 -12.82 24.00
CA SER B 204 -37.37 -13.81 24.69
C SER B 204 -35.90 -13.68 24.31
N GLU B 205 -35.63 -13.31 23.07
CA GLU B 205 -34.26 -13.19 22.56
C GLU B 205 -33.73 -11.75 22.56
N LEU B 206 -34.31 -10.88 23.38
CA LEU B 206 -33.85 -9.49 23.42
C LEU B 206 -32.50 -9.34 24.15
N PRO B 207 -32.30 -10.01 25.31
CA PRO B 207 -30.97 -9.96 25.95
C PRO B 207 -29.78 -10.34 25.03
N GLN B 208 -29.96 -11.36 24.20
CA GLN B 208 -28.90 -11.75 23.28
C GLN B 208 -28.72 -10.72 22.15
N ARG B 209 -29.81 -10.36 21.48
CA ARG B 209 -29.77 -9.34 20.42
C ARG B 209 -29.02 -8.10 20.90
N ILE B 210 -29.27 -7.72 22.14
CA ILE B 210 -28.68 -6.50 22.69
C ILE B 210 -27.20 -6.68 22.99
N ALA B 211 -26.84 -7.82 23.58
CA ALA B 211 -25.44 -8.14 23.84
C ALA B 211 -24.62 -8.19 22.53
N ALA B 212 -25.13 -8.91 21.55
CA ALA B 212 -24.51 -8.97 20.24
C ALA B 212 -24.37 -7.57 19.65
N LEU B 213 -25.35 -6.71 19.89
CA LEU B 213 -25.35 -5.39 19.27
C LEU B 213 -24.29 -4.50 19.90
N LYS B 214 -23.98 -4.75 21.16
CA LYS B 214 -22.96 -3.95 21.83
C LYS B 214 -21.62 -4.19 21.16
N MET B 215 -21.30 -5.46 20.93
CA MET B 215 -20.07 -5.83 20.24
C MET B 215 -19.98 -5.14 18.88
N ALA B 216 -21.07 -5.19 18.12
CA ALA B 216 -21.19 -4.46 16.86
C ALA B 216 -20.82 -2.98 16.97
N PHE B 217 -21.45 -2.28 17.91
CA PHE B 217 -21.26 -0.84 18.06
C PHE B 217 -19.93 -0.48 18.71
N ALA B 218 -19.20 -1.51 19.09
CA ALA B 218 -17.85 -1.34 19.61
C ALA B 218 -16.95 -1.44 18.36
N LYS B 219 -17.31 -2.31 17.43
CA LYS B 219 -16.47 -2.47 16.24
C LYS B 219 -16.61 -1.28 15.29
N CYS B 220 -17.70 -0.53 15.41
CA CYS B 220 -17.93 0.67 14.61
C CYS B 220 -17.71 1.93 15.43
N ALA B 221 -17.02 1.80 16.56
CA ALA B 221 -16.88 2.90 17.51
C ALA B 221 -15.90 3.25 16.41
N ARG B 222 -15.14 4.32 16.62
CA ARG B 222 -14.19 4.79 15.62
C ARG B 222 -14.60 5.04 14.17
N SER B 223 -13.76 4.61 13.24
CA SER B 223 -14.01 4.81 11.82
C SER B 223 -14.80 3.70 11.12
N ILE B 224 -15.46 4.10 10.04
CA ILE B 224 -16.19 3.19 9.17
C ILE B 224 -15.23 3.18 8.00
N THR B 225 -15.23 2.09 7.24
CA THR B 225 -14.36 1.97 6.09
C THR B 225 -15.18 1.11 5.13
N VAL B 226 -15.41 1.62 3.92
CA VAL B 226 -16.03 0.82 2.87
C VAL B 226 -14.89 0.11 2.12
N VAL B 227 -15.21 -0.95 1.37
CA VAL B 227 -14.19 -1.56 0.51
C VAL B 227 -15.01 -2.38 -0.48
N VAL B 228 -14.32 -2.91 -1.48
CA VAL B 228 -14.90 -3.79 -2.48
C VAL B 228 -14.32 -5.19 -2.34
N MET B 229 -15.16 -6.16 -2.04
CA MET B 229 -14.73 -7.55 -1.99
C MET B 229 -15.66 -8.36 -2.90
N GLU B 230 -15.08 -9.09 -3.85
CA GLU B 230 -15.88 -9.97 -4.70
C GLU B 230 -16.98 -9.21 -5.40
N ARG B 231 -16.60 -8.08 -5.98
CA ARG B 231 -17.47 -7.28 -6.82
C ARG B 231 -18.68 -6.74 -6.07
N THR B 232 -18.58 -6.56 -4.76
CA THR B 232 -19.63 -5.84 -4.04
C THR B 232 -19.12 -4.89 -2.92
N LEU B 233 -19.82 -3.81 -2.66
CA LEU B 233 -19.49 -2.94 -1.51
C LEU B 233 -19.64 -3.63 -0.15
N VAL B 234 -18.63 -3.49 0.72
CA VAL B 234 -18.59 -4.06 2.06
C VAL B 234 -18.25 -2.98 3.07
N VAL B 235 -18.99 -2.93 4.18
CA VAL B 235 -18.57 -2.16 5.34
C VAL B 235 -17.70 -3.06 6.21
N ARG B 236 -16.41 -2.76 6.28
CA ARG B 236 -15.46 -3.63 6.99
C ARG B 236 -15.96 -3.94 8.38
N GLU B 237 -16.34 -2.88 9.07
CA GLU B 237 -16.62 -2.93 10.49
C GLU B 237 -17.90 -3.69 10.81
N PHE B 238 -18.81 -3.82 9.85
CA PHE B 238 -20.01 -4.66 10.03
C PHE B 238 -19.66 -6.16 9.97
N ALA B 239 -18.63 -6.53 9.22
CA ALA B 239 -18.36 -7.97 9.03
C ALA B 239 -17.99 -8.64 10.35
N GLY B 240 -18.41 -9.89 10.52
CA GLY B 240 -18.10 -10.63 11.72
C GLY B 240 -18.94 -10.25 12.92
N THR B 241 -19.95 -9.39 12.71
CA THR B 241 -20.92 -9.06 13.75
C THR B 241 -22.36 -9.20 13.30
N CYS B 242 -23.29 -9.00 14.23
CA CYS B 242 -24.71 -9.10 13.93
C CYS B 242 -25.13 -8.13 12.80
N LEU B 243 -24.31 -7.13 12.52
CA LEU B 243 -24.62 -6.20 11.45
C LEU B 243 -24.28 -6.75 10.05
N ALA B 244 -23.58 -7.89 10.03
CA ALA B 244 -23.07 -8.47 8.78
C ALA B 244 -24.15 -8.68 7.73
N SER B 245 -25.38 -8.86 8.17
CA SER B 245 -26.50 -9.09 7.28
C SER B 245 -26.80 -7.87 6.41
N ILE B 246 -26.46 -6.67 6.89
CA ILE B 246 -26.39 -5.51 6.00
C ILE B 246 -25.45 -5.75 4.78
N ASN B 247 -24.24 -6.25 5.01
CA ASN B 247 -23.34 -6.59 3.91
C ASN B 247 -24.01 -7.62 3.00
N GLY B 248 -24.57 -8.68 3.59
CA GLY B 248 -25.22 -9.73 2.81
C GLY B 248 -26.35 -9.23 1.94
N ALA B 249 -27.10 -8.28 2.45
CA ALA B 249 -28.21 -7.71 1.71
C ALA B 249 -27.67 -6.94 0.53
N VAL B 250 -26.66 -6.12 0.77
CA VAL B 250 -26.02 -5.35 -0.30
C VAL B 250 -25.34 -6.27 -1.34
N ALA B 251 -24.68 -7.35 -0.91
CA ALA B 251 -24.11 -8.30 -1.87
C ALA B 251 -25.18 -8.88 -2.81
N LYS B 252 -26.37 -9.16 -2.26
CA LYS B 252 -27.50 -9.67 -3.03
C LYS B 252 -27.96 -8.64 -4.06
N PHE B 253 -27.96 -7.36 -3.70
CA PHE B 253 -28.24 -6.34 -4.70
C PHE B 253 -27.15 -6.35 -5.76
N PHE B 254 -25.90 -6.65 -5.41
CA PHE B 254 -24.80 -6.59 -6.37
C PHE B 254 -24.74 -7.84 -7.26
N GLU B 255 -25.10 -9.02 -6.74
CA GLU B 255 -25.03 -10.21 -7.59
C GLU B 255 -26.04 -10.19 -8.74
N GLU B 256 -26.99 -9.28 -8.69
CA GLU B 256 -28.05 -9.23 -9.69
C GLU B 256 -27.89 -8.07 -10.70
N LEU B 257 -26.72 -7.43 -10.69
CA LEU B 257 -26.40 -6.38 -11.66
C LEU B 257 -25.85 -7.07 -12.91
N PRO B 258 -25.99 -6.43 -14.08
CA PRO B 258 -25.44 -7.02 -15.33
C PRO B 258 -23.94 -7.23 -15.26
N ASN B 259 -23.41 -8.20 -16.01
CA ASN B 259 -21.96 -8.28 -16.14
C ASN B 259 -21.52 -7.45 -17.32
N GLY B 260 -20.26 -7.04 -17.28
CA GLY B 260 -19.72 -6.08 -18.22
C GLY B 260 -18.22 -6.29 -18.26
N PHE B 261 -17.50 -5.42 -18.94
CA PHE B 261 -16.17 -5.59 -19.49
C PHE B 261 -15.17 -6.17 -18.47
N MET B 262 -14.53 -7.28 -18.84
CA MET B 262 -13.56 -7.97 -18.01
C MET B 262 -14.20 -8.48 -16.69
N GLY B 263 -15.48 -8.77 -16.72
CA GLY B 263 -16.12 -9.47 -15.61
C GLY B 263 -16.62 -8.56 -14.51
N ALA B 264 -16.68 -7.27 -14.80
CA ALA B 264 -17.17 -6.29 -13.86
C ALA B 264 -18.69 -6.37 -13.68
N LYS B 265 -19.19 -5.62 -12.71
CA LYS B 265 -20.64 -5.50 -12.42
C LYS B 265 -20.97 -4.07 -12.82
N ILE B 266 -21.92 -3.87 -13.70
CA ILE B 266 -22.18 -2.49 -14.18
C ILE B 266 -23.27 -1.83 -13.35
N PHE B 267 -23.05 -0.58 -12.97
CA PHE B 267 -24.05 0.22 -12.25
C PHE B 267 -23.90 1.66 -12.70
N THR B 268 -24.89 2.17 -13.41
CA THR B 268 -24.87 3.55 -13.95
C THR B 268 -23.54 3.78 -14.67
N THR B 269 -22.72 4.69 -14.18
CA THR B 269 -21.44 4.98 -14.83
C THR B 269 -20.29 4.09 -14.37
N LEU B 270 -20.41 3.45 -13.20
CA LEU B 270 -19.31 2.65 -12.67
C LEU B 270 -19.21 1.14 -12.89
N ALA B 271 -18.00 0.59 -12.89
CA ALA B 271 -17.80 -0.85 -12.94
C ALA B 271 -17.07 -1.54 -11.80
N PHE B 272 -17.76 -2.44 -11.10
CA PHE B 272 -17.17 -3.12 -9.96
C PHE B 272 -16.37 -4.38 -10.11
N PHE B 273 -15.05 -4.26 -10.18
CA PHE B 273 -14.18 -5.42 -10.31
C PHE B 273 -14.04 -6.13 -8.95
N LYS B 274 -13.29 -7.22 -8.88
CA LYS B 274 -13.28 -8.02 -7.66
C LYS B 274 -12.98 -7.18 -6.40
N GLU B 275 -12.04 -6.24 -6.53
CA GLU B 275 -11.53 -5.54 -5.35
C GLU B 275 -11.44 -4.07 -5.56
N ALA B 276 -12.12 -3.56 -6.58
CA ALA B 276 -12.07 -2.14 -6.83
C ALA B 276 -13.27 -1.67 -7.59
N ALA B 277 -13.77 -0.50 -7.24
CA ALA B 277 -14.75 0.20 -8.05
C ALA B 277 -14.04 1.27 -8.88
N VAL B 278 -14.58 1.58 -10.06
CA VAL B 278 -13.97 2.57 -10.95
C VAL B 278 -15.07 3.37 -11.66
N ARG B 279 -14.81 4.63 -11.98
CA ARG B 279 -15.75 5.34 -12.84
C ARG B 279 -15.41 4.93 -14.25
N ILE B 280 -16.41 4.86 -15.12
CA ILE B 280 -16.11 4.59 -16.52
C ILE B 280 -16.03 5.92 -17.22
N VAL B 281 -14.84 6.29 -17.68
CA VAL B 281 -14.66 7.57 -18.34
C VAL B 281 -14.73 7.40 -19.86
N GLU B 282 -15.57 8.20 -20.50
CA GLU B 282 -15.77 8.07 -21.94
C GLU B 282 -14.98 9.09 -22.76
N ASN B 283 -14.55 8.64 -23.94
CA ASN B 283 -13.81 9.46 -24.91
C ASN B 283 -12.52 10.02 -24.35
N ILE B 284 -11.71 9.15 -23.75
CA ILE B 284 -10.42 9.55 -23.22
C ILE B 284 -9.58 10.12 -24.35
N PRO B 285 -8.73 11.10 -24.01
CA PRO B 285 -7.76 11.62 -25.00
C PRO B 285 -6.74 11.10 -25.98
N ASN B 286 -5.79 10.29 -25.53
CA ASN B 286 -4.72 9.77 -26.39
C ASN B 286 -5.32 8.50 -27.03
N ALA B 287 -6.27 8.61 -27.97
CA ALA B 287 -7.13 7.43 -28.27
C ALA B 287 -8.07 7.57 -29.49
N PRO B 288 -8.52 6.43 -30.08
CA PRO B 288 -9.53 6.47 -31.14
C PRO B 288 -10.83 6.91 -30.51
N ARG B 289 -11.62 7.74 -31.20
CA ARG B 289 -12.86 8.23 -30.64
C ARG B 289 -13.73 7.05 -30.19
N GLY B 290 -14.28 7.17 -28.99
CA GLY B 290 -15.17 6.16 -28.44
C GLY B 290 -14.48 5.25 -27.43
N THR B 291 -13.18 5.44 -27.26
CA THR B 291 -12.40 4.64 -26.33
C THR B 291 -12.69 5.00 -24.88
N LYS B 292 -12.90 3.99 -24.05
CA LYS B 292 -13.23 4.20 -22.64
C LYS B 292 -12.03 3.87 -21.76
N GLY B 293 -11.95 4.50 -20.61
CA GLY B 293 -10.95 4.16 -19.63
C GLY B 293 -11.56 4.07 -18.25
N PHE B 294 -10.81 3.59 -17.28
CA PHE B 294 -11.30 3.54 -15.91
C PHE B 294 -10.60 4.53 -14.98
N GLU B 295 -11.33 4.97 -13.97
CA GLU B 295 -10.75 5.77 -12.90
C GLU B 295 -11.24 5.25 -11.56
N VAL B 296 -10.35 4.58 -10.85
CA VAL B 296 -10.65 4.06 -9.52
C VAL B 296 -11.22 5.12 -8.53
N VAL B 297 -12.18 4.74 -7.70
CA VAL B 297 -12.69 5.62 -6.64
C VAL B 297 -12.70 4.90 -5.29
N GLY B 298 -12.58 5.63 -4.20
CA GLY B 298 -12.60 5.01 -2.89
C GLY B 298 -11.42 4.08 -2.61
N ASN B 299 -11.62 3.12 -1.71
CA ASN B 299 -10.56 2.17 -1.40
C ASN B 299 -10.48 1.03 -2.41
N ALA B 300 -9.29 0.83 -2.95
CA ALA B 300 -9.13 -0.03 -4.10
C ALA B 300 -7.84 -0.79 -4.02
N LYS B 301 -7.93 -2.12 -4.06
CA LYS B 301 -6.75 -2.98 -4.16
C LYS B 301 -6.29 -3.08 -5.62
N GLY B 302 -4.97 -3.11 -5.79
CA GLY B 302 -4.37 -3.20 -7.11
C GLY B 302 -2.86 -3.08 -7.03
N THR B 303 -2.25 -2.75 -8.16
CA THR B 303 -0.78 -2.72 -8.32
C THR B 303 -0.38 -1.50 -9.12
N GLN B 304 0.52 -0.68 -8.59
CA GLN B 304 1.08 0.39 -9.40
C GLN B 304 2.04 -0.25 -10.41
N VAL B 305 1.92 0.19 -11.67
CA VAL B 305 2.65 -0.42 -12.76
C VAL B 305 3.44 0.64 -13.56
N VAL B 306 4.51 0.22 -14.23
CA VAL B 306 5.22 1.11 -15.15
C VAL B 306 4.92 0.73 -16.59
N VAL B 307 4.45 1.69 -17.37
CA VAL B 307 4.05 1.45 -18.74
C VAL B 307 5.20 1.81 -19.71
N ARG B 308 5.65 0.84 -20.49
CA ARG B 308 6.78 1.05 -21.41
C ARG B 308 6.35 1.63 -22.74
N GLY B 309 5.04 1.67 -23.00
CA GLY B 309 4.52 2.20 -24.25
C GLY B 309 3.25 1.49 -24.67
N MET B 310 2.62 1.97 -25.74
CA MET B 310 1.40 1.40 -26.30
C MET B 310 1.68 0.24 -27.29
N ARG B 311 1.03 -0.92 -27.12
CA ARG B 311 1.07 -2.00 -28.14
C ARG B 311 -0.28 -2.37 -28.74
N ASN B 312 -0.32 -2.52 -30.05
CA ASN B 312 -1.54 -3.01 -30.67
C ASN B 312 -1.56 -4.41 -31.28
N ASP B 313 -0.69 -5.28 -30.80
CA ASP B 313 -0.56 -6.62 -31.37
C ASP B 313 -1.24 -7.73 -30.55
N LEU B 314 -2.09 -7.36 -29.62
CA LEU B 314 -2.67 -8.36 -28.75
C LEU B 314 -4.17 -8.43 -28.91
N THR B 315 -4.69 -9.64 -28.79
CA THR B 315 -6.12 -9.83 -28.84
C THR B 315 -6.56 -10.24 -27.44
N LEU B 316 -7.62 -9.61 -26.96
CA LEU B 316 -8.18 -9.95 -25.67
C LEU B 316 -9.15 -11.15 -25.75
N LEU B 317 -8.84 -12.20 -25.00
CA LEU B 317 -9.70 -13.38 -24.91
C LEU B 317 -10.94 -14.01 -24.28
N ASP B 318 -11.58 -13.29 -23.36
CA ASP B 318 -12.76 -13.82 -22.66
C ASP B 318 -12.53 -14.84 -21.55
N GLN B 319 -11.27 -15.18 -21.28
CA GLN B 319 -10.92 -16.15 -20.24
C GLN B 319 -10.03 -15.63 -19.11
N LYS B 320 -10.53 -15.68 -17.87
CA LYS B 320 -9.80 -15.20 -16.70
C LYS B 320 -8.70 -16.09 -16.11
N ALA B 321 -7.55 -15.49 -15.80
CA ALA B 321 -6.39 -16.22 -15.27
C ALA B 321 -5.88 -15.72 -13.92
N ASP B 322 -5.53 -16.62 -13.01
CA ASP B 322 -5.13 -16.16 -11.70
C ASP B 322 -3.62 -16.12 -11.57
N ILE B 323 -3.04 -15.03 -12.06
CA ILE B 323 -1.61 -14.82 -11.97
C ILE B 323 -1.32 -13.41 -11.51
N PRO B 324 -0.20 -13.24 -10.78
CA PRO B 324 0.25 -11.91 -10.31
C PRO B 324 0.39 -10.91 -11.47
N VAL B 325 -0.10 -9.69 -11.27
CA VAL B 325 0.09 -8.63 -12.26
C VAL B 325 1.54 -8.18 -12.24
N GLU B 326 2.21 -8.20 -13.39
CA GLU B 326 3.63 -7.80 -13.41
C GLU B 326 3.73 -6.27 -13.29
N SER B 327 4.68 -5.80 -12.50
CA SER B 327 4.71 -4.37 -12.22
C SER B 327 5.26 -3.54 -13.40
N GLU B 328 5.75 -4.22 -14.43
CA GLU B 328 6.20 -3.52 -15.65
C GLU B 328 5.52 -4.12 -16.88
N GLY B 329 5.19 -3.28 -17.85
CA GLY B 329 4.36 -3.74 -18.94
C GLY B 329 4.02 -2.66 -19.94
N TRP B 330 2.83 -2.77 -20.54
CA TRP B 330 2.45 -1.88 -21.63
C TRP B 330 0.99 -1.49 -21.53
N SER B 331 0.61 -0.50 -22.31
CA SER B 331 -0.78 -0.13 -22.40
C SER B 331 -1.30 -0.66 -23.72
N ALA B 332 -2.61 -0.84 -23.83
CA ALA B 332 -3.16 -1.34 -25.08
C ALA B 332 -4.67 -1.12 -25.12
N ILE B 333 -5.21 -0.89 -26.32
CA ILE B 333 -6.65 -0.78 -26.48
C ILE B 333 -7.23 -2.17 -26.75
N LEU B 334 -7.99 -2.70 -25.79
CA LEU B 334 -8.70 -3.95 -26.01
C LEU B 334 -10.21 -3.75 -25.75
N GLY B 335 -11.03 -4.18 -26.70
CA GLY B 335 -12.47 -4.08 -26.59
C GLY B 335 -12.83 -2.64 -26.38
N GLY B 336 -12.10 -1.75 -27.05
CA GLY B 336 -12.36 -0.32 -26.93
C GLY B 336 -12.19 0.29 -25.53
N HIS B 337 -11.37 -0.36 -24.70
CA HIS B 337 -10.97 0.19 -23.40
C HIS B 337 -9.45 0.28 -23.29
N LEU B 338 -8.97 1.36 -22.67
CA LEU B 338 -7.56 1.46 -22.32
C LEU B 338 -7.21 0.40 -21.27
N CYS B 339 -6.27 -0.49 -21.59
CA CYS B 339 -5.93 -1.57 -20.67
C CYS B 339 -4.43 -1.72 -20.43
N TYR B 340 -4.10 -2.49 -19.41
CA TYR B 340 -2.72 -2.88 -19.14
C TYR B 340 -2.43 -4.29 -19.65
N VAL B 341 -1.33 -4.46 -20.38
CA VAL B 341 -0.91 -5.81 -20.75
C VAL B 341 0.51 -6.09 -20.27
N PHE B 342 0.80 -7.36 -20.07
CA PHE B 342 2.09 -7.70 -19.52
C PHE B 342 2.45 -9.13 -19.84
N ARG B 343 3.74 -9.44 -19.79
CA ARG B 343 4.22 -10.74 -20.19
C ARG B 343 4.61 -11.49 -18.95
N SER B 344 4.09 -12.71 -18.82
CA SER B 344 4.40 -13.56 -17.68
C SER B 344 4.41 -15.02 -18.11
N GLY B 345 5.49 -15.73 -17.81
CA GLY B 345 5.65 -17.11 -18.24
C GLY B 345 5.41 -17.36 -19.73
N ASP B 346 6.03 -16.53 -20.57
CA ASP B 346 5.93 -16.63 -22.02
C ASP B 346 4.50 -16.46 -22.57
N ARG B 347 3.57 -15.97 -21.77
CA ARG B 347 2.26 -15.62 -22.31
C ARG B 347 1.95 -14.14 -22.06
N PHE B 348 0.94 -13.64 -22.77
CA PHE B 348 0.50 -12.25 -22.60
C PHE B 348 -0.84 -12.17 -21.85
N TYR B 349 -0.92 -11.25 -20.90
CA TYR B 349 -2.15 -11.04 -20.14
C TYR B 349 -2.63 -9.60 -20.18
N ALA B 350 -3.91 -9.39 -19.90
CA ALA B 350 -4.44 -8.05 -19.76
C ALA B 350 -5.04 -7.86 -18.36
N ALA B 351 -5.20 -6.60 -17.97
CA ALA B 351 -5.79 -6.26 -16.68
C ALA B 351 -6.42 -4.89 -16.85
N PRO B 352 -7.44 -4.59 -16.03
CA PRO B 352 -8.00 -3.23 -16.01
C PRO B 352 -6.99 -2.22 -15.43
N LEU B 353 -6.88 -1.11 -16.13
CA LEU B 353 -5.91 -0.06 -15.83
C LEU B 353 -6.61 1.24 -15.46
N SER B 354 -6.15 1.88 -14.38
CA SER B 354 -6.64 3.20 -14.02
C SER B 354 -5.45 4.15 -13.85
N GLY B 355 -5.05 4.81 -14.92
CA GLY B 355 -3.87 5.66 -14.87
C GLY B 355 -2.68 4.76 -14.70
N ASN B 356 -2.19 4.64 -13.47
CA ASN B 356 -0.96 3.89 -13.22
C ASN B 356 -1.25 2.69 -12.37
N PHE B 357 -2.52 2.38 -12.23
CA PHE B 357 -2.97 1.41 -11.26
C PHE B 357 -3.66 0.23 -11.93
N ALA B 358 -3.07 -0.95 -11.82
CA ALA B 358 -3.62 -2.15 -12.46
C ALA B 358 -4.40 -2.99 -11.46
N LEU B 359 -5.64 -3.32 -11.85
CA LEU B 359 -6.50 -4.16 -11.01
C LEU B 359 -6.12 -5.62 -11.20
N HIS B 360 -6.50 -6.46 -10.25
CA HIS B 360 -6.11 -7.85 -10.34
C HIS B 360 -7.11 -8.77 -11.05
N ASP B 361 -7.92 -8.23 -11.94
CA ASP B 361 -8.84 -9.06 -12.71
C ASP B 361 -8.19 -9.49 -14.03
N VAL B 362 -7.20 -10.35 -13.93
CA VAL B 362 -6.36 -10.63 -15.10
C VAL B 362 -7.07 -11.50 -16.14
N HIS B 363 -6.97 -11.08 -17.40
CA HIS B 363 -7.50 -11.86 -18.51
C HIS B 363 -6.41 -12.31 -19.47
N CYS B 364 -6.68 -13.41 -20.17
CA CYS B 364 -5.74 -14.01 -21.10
C CYS B 364 -5.68 -13.28 -22.43
N CYS B 365 -4.48 -13.16 -23.01
CA CYS B 365 -4.33 -12.57 -24.34
C CYS B 365 -3.69 -13.54 -25.33
N GLU B 366 -3.81 -13.28 -26.63
CA GLU B 366 -3.01 -14.03 -27.58
C GLU B 366 -2.50 -13.12 -28.69
N ARG B 367 -1.49 -13.59 -29.40
CA ARG B 367 -0.97 -12.86 -30.54
C ARG B 367 -1.32 -13.61 -31.83
N VAL B 368 -1.94 -12.90 -32.75
CA VAL B 368 -2.46 -13.52 -33.96
C VAL B 368 -1.56 -13.19 -35.13
N VAL B 369 -1.00 -14.26 -35.71
CA VAL B 369 -0.05 -14.16 -36.83
C VAL B 369 -0.62 -14.80 -38.11
N CYS B 370 -0.78 -14.01 -39.17
CA CYS B 370 -1.20 -14.57 -40.45
C CYS B 370 -0.03 -15.19 -41.23
N LEU B 371 -0.11 -16.50 -41.45
CA LEU B 371 0.85 -17.22 -42.31
C LEU B 371 0.46 -17.02 -43.77
N SER B 372 0.76 -15.85 -44.31
CA SER B 372 0.19 -15.40 -45.58
C SER B 372 0.54 -16.26 -46.79
N ASP B 373 1.62 -17.02 -46.70
CA ASP B 373 1.96 -17.94 -47.78
C ASP B 373 2.01 -19.37 -47.25
N GLY B 374 1.28 -19.62 -46.17
CA GLY B 374 1.19 -20.96 -45.63
C GLY B 374 2.39 -21.29 -44.77
N VAL B 375 2.52 -22.55 -44.35
CA VAL B 375 3.67 -22.92 -43.54
C VAL B 375 4.84 -23.19 -44.47
N THR B 376 5.81 -22.28 -44.39
CA THR B 376 6.91 -22.25 -45.31
C THR B 376 8.03 -23.10 -44.69
N PRO B 377 9.08 -23.45 -45.45
CA PRO B 377 10.07 -24.32 -44.78
C PRO B 377 10.83 -23.65 -43.63
N GLU B 378 11.08 -22.35 -43.70
CA GLU B 378 11.75 -21.67 -42.59
C GLU B 378 10.80 -21.57 -41.39
N ILE B 379 9.56 -21.16 -41.67
CA ILE B 379 8.53 -21.12 -40.65
C ILE B 379 8.37 -22.50 -39.99
N ASN B 380 8.19 -23.55 -40.78
CA ASN B 380 8.16 -24.89 -40.24
C ASN B 380 9.31 -25.14 -39.26
N ASP B 381 10.55 -24.84 -39.66
CA ASP B 381 11.67 -25.12 -38.78
C ASP B 381 11.82 -24.12 -37.63
N GLY B 382 11.43 -22.87 -37.85
CA GLY B 382 11.47 -21.93 -36.75
C GLY B 382 10.48 -22.31 -35.64
N LEU B 383 9.32 -22.80 -36.04
CA LEU B 383 8.31 -23.26 -35.07
C LEU B 383 8.83 -24.47 -34.31
N ILE B 384 9.48 -25.38 -35.03
CA ILE B 384 9.98 -26.63 -34.44
C ILE B 384 11.06 -26.30 -33.42
N LEU B 385 11.83 -25.26 -33.71
CA LEU B 385 12.93 -24.89 -32.81
C LEU B 385 12.35 -24.32 -31.52
N ALA B 386 11.37 -23.43 -31.64
CA ALA B 386 10.72 -22.87 -30.47
C ALA B 386 10.11 -24.00 -29.61
N ALA B 387 9.53 -24.99 -30.28
CA ALA B 387 8.94 -26.13 -29.60
C ALA B 387 9.99 -26.83 -28.74
N ILE B 388 11.07 -27.31 -29.37
CA ILE B 388 12.21 -27.88 -28.67
C ILE B 388 12.66 -27.05 -27.47
N TYR B 389 12.92 -25.76 -27.72
CA TYR B 389 13.25 -24.83 -26.66
C TYR B 389 12.21 -24.79 -25.53
N SER B 390 10.93 -24.99 -25.86
CA SER B 390 9.85 -24.81 -24.89
C SER B 390 9.44 -26.13 -24.28
N SER B 391 10.03 -27.20 -24.80
CA SER B 391 9.63 -28.56 -24.46
C SER B 391 8.16 -28.83 -24.87
N PHE B 392 7.74 -28.19 -25.94
CA PHE B 392 6.47 -28.48 -26.59
C PHE B 392 6.67 -29.63 -27.57
N SER B 393 5.85 -30.67 -27.44
CA SER B 393 5.90 -31.88 -28.29
C SER B 393 5.90 -31.54 -29.79
N VAL B 394 6.94 -31.98 -30.49
CA VAL B 394 7.12 -31.67 -31.89
C VAL B 394 6.06 -32.38 -32.71
N ALA B 395 5.83 -33.65 -32.38
CA ALA B 395 4.80 -34.44 -33.06
C ALA B 395 3.43 -33.73 -33.00
N GLU B 396 3.04 -33.23 -31.83
CA GLU B 396 1.83 -32.43 -31.74
C GLU B 396 1.92 -31.16 -32.58
N LEU B 397 3.02 -30.42 -32.42
CA LEU B 397 3.25 -29.26 -33.27
C LEU B 397 3.16 -29.57 -34.76
N VAL B 398 3.69 -30.71 -35.22
CA VAL B 398 3.71 -31.06 -36.65
C VAL B 398 2.33 -31.55 -37.16
N ALA B 399 1.52 -32.18 -36.30
CA ALA B 399 0.14 -32.56 -36.68
C ALA B 399 -0.73 -31.35 -37.03
N ALA B 400 -0.56 -30.25 -36.30
CA ALA B 400 -1.31 -29.02 -36.54
C ALA B 400 -0.98 -28.33 -37.89
N ILE B 401 0.30 -28.14 -38.19
CA ILE B 401 0.78 -27.70 -39.51
C ILE B 401 0.23 -28.56 -40.65
N LYS B 402 0.19 -29.87 -40.47
CA LYS B 402 -0.34 -30.73 -41.53
C LYS B 402 -1.83 -30.51 -41.77
N LYS B 403 -2.58 -30.15 -40.72
CA LYS B 403 -4.00 -29.92 -40.89
C LYS B 403 -4.31 -28.67 -41.72
N GLY B 404 -3.39 -27.70 -41.73
CA GLY B 404 -3.66 -26.45 -42.42
C GLY B 404 -4.86 -25.64 -41.91
N GLU B 405 -5.32 -25.88 -40.68
CA GLU B 405 -6.30 -25.03 -40.03
C GLU B 405 -5.63 -24.18 -38.94
N PRO B 406 -6.27 -23.07 -38.53
CA PRO B 406 -5.71 -22.25 -37.43
C PRO B 406 -5.32 -23.05 -36.21
N PHE B 407 -4.40 -22.53 -35.39
CA PHE B 407 -3.98 -23.29 -34.21
C PHE B 407 -3.23 -22.42 -33.20
N LYS B 408 -3.29 -22.85 -31.93
CA LYS B 408 -2.62 -22.16 -30.83
C LYS B 408 -1.27 -22.69 -30.31
N PHE B 409 -0.21 -21.94 -30.60
CA PHE B 409 1.13 -22.28 -30.15
C PHE B 409 1.83 -21.17 -29.37
N LEU B 410 2.29 -21.51 -28.16
CA LEU B 410 3.07 -20.62 -27.29
C LEU B 410 2.59 -19.18 -27.17
N GLY B 411 1.30 -18.99 -26.97
CA GLY B 411 0.72 -17.67 -26.80
C GLY B 411 0.38 -17.02 -28.13
N HIS B 412 0.45 -17.79 -29.21
CA HIS B 412 0.23 -17.25 -30.54
C HIS B 412 -0.83 -18.02 -31.31
N LYS B 413 -1.74 -17.33 -31.97
CA LYS B 413 -2.58 -18.06 -32.91
C LYS B 413 -2.00 -17.83 -34.29
N PHE B 414 -2.05 -18.89 -35.10
CA PHE B 414 -1.60 -18.81 -36.49
C PHE B 414 -2.81 -19.06 -37.36
N VAL B 415 -3.03 -18.15 -38.27
CA VAL B 415 -4.11 -18.22 -39.20
C VAL B 415 -3.55 -18.05 -40.59
N TYR B 416 -4.37 -18.28 -41.60
CA TYR B 416 -3.90 -18.25 -42.97
C TYR B 416 -4.63 -17.23 -43.79
N ALA B 417 -5.74 -16.74 -43.29
CA ALA B 417 -6.58 -15.88 -44.08
C ALA B 417 -5.96 -14.54 -43.84
N LYS B 418 -6.46 -13.53 -44.54
CA LYS B 418 -5.91 -12.19 -44.40
C LYS B 418 -6.10 -10.80 -43.81
N ASP B 419 -7.37 -10.48 -43.61
CA ASP B 419 -7.83 -9.21 -42.97
C ASP B 419 -8.68 -9.60 -41.76
N ALA B 420 -8.43 -10.79 -41.20
CA ALA B 420 -9.18 -11.37 -40.07
C ALA B 420 -8.71 -10.17 -39.22
N ALA B 421 -9.27 -9.99 -38.02
CA ALA B 421 -8.93 -8.83 -37.16
C ALA B 421 -7.68 -8.03 -36.74
N VAL B 422 -6.57 -8.74 -36.42
CA VAL B 422 -5.30 -8.08 -35.98
C VAL B 422 -4.17 -8.41 -36.97
N SER B 423 -2.98 -7.82 -36.76
CA SER B 423 -1.89 -7.95 -37.75
C SER B 423 -0.45 -8.25 -38.18
N PHE B 424 0.19 -9.14 -37.43
CA PHE B 424 1.63 -9.54 -37.45
C PHE B 424 2.11 -10.67 -38.35
N THR B 425 1.78 -10.57 -39.63
CA THR B 425 2.17 -11.65 -40.56
C THR B 425 3.57 -12.18 -40.90
N LEU B 426 3.63 -13.43 -41.39
CA LEU B 426 4.85 -14.11 -41.81
C LEU B 426 4.53 -14.09 -43.30
N ALA B 427 5.49 -14.51 -44.14
CA ALA B 427 5.26 -14.56 -45.60
C ALA B 427 6.52 -15.33 -46.03
N LYS B 428 6.61 -15.69 -47.32
CA LYS B 428 7.74 -16.50 -47.82
C LYS B 428 9.10 -15.85 -47.54
N ALA B 429 9.12 -14.55 -47.23
CA ALA B 429 10.38 -13.85 -47.03
C ALA B 429 10.93 -14.05 -45.64
N ALA B 430 10.15 -14.73 -44.80
CA ALA B 430 10.51 -14.82 -43.39
C ALA B 430 11.60 -15.86 -43.12
N THR B 431 12.63 -15.45 -42.37
CA THR B 431 13.69 -16.36 -41.92
C THR B 431 13.24 -17.22 -40.75
N ILE B 432 13.97 -18.31 -40.52
CA ILE B 432 13.93 -19.04 -39.27
C ILE B 432 14.02 -18.10 -38.08
N ALA B 433 14.96 -17.17 -38.12
CA ALA B 433 15.17 -16.27 -37.01
C ALA B 433 14.05 -15.27 -36.81
N ASP B 434 13.31 -14.93 -37.86
CA ASP B 434 12.15 -14.05 -37.74
C ASP B 434 11.06 -14.78 -36.92
N VAL B 435 10.98 -16.09 -37.09
CA VAL B 435 9.96 -16.86 -36.43
C VAL B 435 10.32 -17.03 -34.95
N LEU B 436 11.61 -17.22 -34.66
CA LEU B 436 12.02 -17.33 -33.26
C LEU B 436 11.86 -16.01 -32.49
N ARG B 437 11.88 -14.90 -33.21
CA ARG B 437 11.74 -13.61 -32.56
C ARG B 437 10.42 -13.53 -31.82
N LEU B 438 9.39 -14.14 -32.40
CA LEU B 438 8.05 -14.16 -31.84
C LEU B 438 7.97 -14.83 -30.47
N PHE B 439 8.72 -15.92 -30.31
CA PHE B 439 8.62 -16.74 -29.11
C PHE B 439 9.74 -16.46 -28.14
N GLN B 440 10.54 -15.47 -28.49
CA GLN B 440 11.82 -15.23 -27.83
C GLN B 440 11.62 -14.98 -26.34
N SER B 441 12.27 -15.83 -25.54
CA SER B 441 12.18 -15.83 -24.08
C SER B 441 13.47 -16.40 -23.52
N ALA B 442 13.51 -16.59 -22.19
CA ALA B 442 14.64 -17.26 -21.54
C ALA B 442 15.07 -18.57 -22.18
N ARG B 443 14.09 -19.39 -22.58
CA ARG B 443 14.37 -20.68 -23.20
C ARG B 443 14.55 -20.58 -24.71
N VAL B 444 13.74 -19.74 -25.35
CA VAL B 444 13.70 -19.69 -26.79
C VAL B 444 14.72 -18.67 -27.28
N LYS B 445 15.80 -19.17 -27.88
CA LYS B 445 16.93 -18.35 -28.29
C LYS B 445 16.89 -18.02 -29.77
N VAL B 446 17.35 -16.83 -30.12
CA VAL B 446 17.39 -16.38 -31.51
C VAL B 446 18.79 -16.57 -32.14
N GLU B 447 19.69 -17.27 -31.44
CA GLU B 447 21.04 -17.58 -31.93
C GLU B 447 20.89 -18.30 -33.26
N ASP B 448 21.77 -18.02 -34.23
CA ASP B 448 21.79 -18.80 -35.47
C ASP B 448 22.54 -20.13 -35.35
N VAL B 449 21.79 -21.21 -35.20
CA VAL B 449 22.38 -22.50 -34.88
C VAL B 449 22.45 -23.40 -36.11
N TRP B 450 21.64 -23.07 -37.12
CA TRP B 450 21.57 -23.84 -38.37
C TRP B 450 22.41 -23.51 -39.62
N SER B 451 22.76 -22.24 -39.81
CA SER B 451 23.22 -21.80 -41.11
C SER B 451 24.67 -22.18 -41.36
N SER B 452 25.35 -22.67 -40.33
CA SER B 452 26.67 -23.27 -40.56
C SER B 452 27.09 -24.25 -39.46
N LEU B 453 28.19 -24.96 -39.71
CA LEU B 453 28.59 -26.06 -38.82
C LEU B 453 29.64 -25.61 -37.78
N THR B 454 29.24 -25.58 -36.52
CA THR B 454 30.15 -25.35 -35.40
C THR B 454 29.89 -26.42 -34.37
N GLU B 455 30.62 -26.40 -33.27
CA GLU B 455 30.37 -27.39 -32.23
C GLU B 455 29.08 -27.04 -31.49
N LYS B 456 28.77 -25.75 -31.42
CA LYS B 456 27.56 -25.34 -30.73
C LYS B 456 26.33 -25.71 -31.58
N SER B 457 26.45 -25.60 -32.91
CA SER B 457 25.46 -26.11 -33.84
C SER B 457 25.22 -27.59 -33.61
N PHE B 458 26.32 -28.33 -33.56
CA PHE B 458 26.23 -29.77 -33.44
C PHE B 458 25.63 -30.19 -32.09
N GLU B 459 25.99 -29.46 -31.05
CA GLU B 459 25.54 -29.77 -29.70
C GLU B 459 24.04 -29.62 -29.56
N PHE B 460 23.53 -28.49 -30.02
CA PHE B 460 22.12 -28.27 -30.04
C PHE B 460 21.44 -29.42 -30.76
N TRP B 461 21.79 -29.64 -32.01
CA TRP B 461 21.09 -30.67 -32.79
C TRP B 461 21.30 -32.08 -32.27
N ARG B 462 22.29 -32.29 -31.42
CA ARG B 462 22.53 -33.63 -30.91
C ARG B 462 21.62 -33.82 -29.72
N LEU B 463 21.51 -32.78 -28.91
CA LEU B 463 20.63 -32.84 -27.75
C LEU B 463 19.17 -32.89 -28.21
N ALA B 464 18.79 -31.95 -29.07
CA ALA B 464 17.46 -31.96 -29.67
C ALA B 464 17.11 -33.37 -30.16
N TYR B 465 18.07 -34.01 -30.81
CA TYR B 465 17.84 -35.35 -31.36
C TYR B 465 17.67 -36.39 -30.25
N GLY B 466 18.23 -36.11 -29.08
CA GLY B 466 18.10 -37.03 -27.97
C GLY B 466 16.66 -37.04 -27.53
N LYS B 467 16.11 -35.84 -27.38
CA LYS B 467 14.72 -35.66 -26.97
C LYS B 467 13.74 -36.05 -28.07
N VAL B 468 14.01 -35.65 -29.31
CA VAL B 468 13.13 -36.00 -30.42
C VAL B 468 14.09 -36.98 -31.08
N ARG B 469 13.59 -38.19 -31.27
CA ARG B 469 14.40 -39.31 -31.70
C ARG B 469 14.18 -39.41 -33.22
N ASN B 470 13.09 -38.86 -33.74
CA ASN B 470 12.93 -38.80 -35.18
C ASN B 470 12.90 -37.42 -35.81
N LEU B 471 13.58 -36.46 -35.19
CA LEU B 471 13.65 -35.09 -35.67
C LEU B 471 14.25 -34.91 -37.07
N GLU B 472 14.89 -35.96 -37.56
CA GLU B 472 15.29 -36.15 -38.97
C GLU B 472 14.22 -36.03 -40.05
N GLU B 473 12.97 -36.33 -39.64
CA GLU B 473 11.79 -36.46 -40.51
C GLU B 473 11.16 -35.07 -40.68
N PHE B 474 11.11 -34.30 -39.59
CA PHE B 474 10.34 -33.06 -39.60
C PHE B 474 10.97 -31.79 -40.12
N VAL B 475 12.31 -31.71 -40.06
CA VAL B 475 12.99 -30.51 -40.55
C VAL B 475 12.81 -30.42 -42.06
N LYS B 476 12.71 -29.19 -42.54
CA LYS B 476 12.19 -28.91 -43.87
C LYS B 476 13.20 -28.07 -44.66
N THR B 477 14.03 -27.36 -43.92
CA THR B 477 15.06 -26.50 -44.47
C THR B 477 16.35 -27.25 -44.82
N CYS B 478 17.00 -26.84 -45.91
CA CYS B 478 18.30 -27.42 -46.31
C CYS B 478 19.33 -27.33 -45.20
N PHE B 479 19.36 -26.21 -44.51
CA PHE B 479 20.25 -26.01 -43.38
C PHE B 479 20.02 -26.99 -42.23
N CYS B 480 18.78 -27.07 -41.77
CA CYS B 480 18.43 -27.94 -40.65
C CYS B 480 18.56 -29.39 -41.09
N LYS B 481 18.22 -29.66 -42.34
CA LYS B 481 18.44 -31.00 -42.87
C LYS B 481 19.92 -31.37 -42.79
N ALA B 482 20.78 -30.42 -43.16
CA ALA B 482 22.22 -30.71 -43.20
C ALA B 482 22.71 -30.90 -41.78
N GLN B 483 22.12 -30.12 -40.87
CA GLN B 483 22.49 -30.20 -39.47
C GLN B 483 22.13 -31.55 -38.86
N MET B 484 21.01 -32.12 -39.28
CA MET B 484 20.63 -33.41 -38.73
C MET B 484 21.38 -34.58 -39.41
N ALA B 485 21.71 -34.47 -40.69
CA ALA B 485 22.46 -35.57 -41.34
C ALA B 485 23.81 -35.82 -40.64
N ILE B 486 24.47 -34.72 -40.26
CA ILE B 486 25.73 -34.79 -39.50
C ILE B 486 25.51 -35.43 -38.13
N VAL B 487 24.41 -35.06 -37.46
CA VAL B 487 23.99 -35.70 -36.20
C VAL B 487 23.79 -37.19 -36.40
N ILE B 488 23.03 -37.58 -37.43
CA ILE B 488 22.82 -39.00 -37.72
C ILE B 488 24.15 -39.75 -37.89
N LEU B 489 25.03 -39.21 -38.73
CA LEU B 489 26.32 -39.84 -38.99
C LEU B 489 27.11 -39.94 -37.69
N ALA B 490 27.15 -38.84 -36.95
CA ALA B 490 27.80 -38.80 -35.65
C ALA B 490 27.32 -39.92 -34.72
N THR B 491 26.00 -40.08 -34.59
CA THR B 491 25.47 -41.10 -33.69
C THR B 491 25.65 -42.53 -34.24
N VAL B 492 25.67 -42.71 -35.57
CA VAL B 492 25.84 -44.06 -36.13
C VAL B 492 27.31 -44.50 -36.11
N LEU B 493 28.23 -43.55 -36.08
CA LEU B 493 29.64 -43.88 -35.92
C LEU B 493 29.91 -44.27 -34.47
N GLY B 494 29.29 -43.55 -33.54
CA GLY B 494 29.46 -43.81 -32.11
C GLY B 494 30.41 -42.84 -31.42
N GLU B 495 30.28 -42.73 -30.09
CA GLU B 495 30.98 -41.72 -29.29
C GLU B 495 32.50 -41.70 -29.14
N GLY B 496 33.15 -42.82 -29.39
CA GLY B 496 34.53 -42.91 -29.82
C GLY B 496 34.41 -43.23 -31.29
N ILE B 497 35.38 -42.75 -32.07
CA ILE B 497 35.34 -42.61 -33.53
C ILE B 497 34.64 -41.38 -34.03
N TRP B 498 33.88 -40.76 -33.13
CA TRP B 498 33.24 -39.50 -33.44
C TRP B 498 34.11 -38.61 -32.57
N HIS B 499 34.55 -39.16 -31.44
CA HIS B 499 35.48 -38.43 -30.59
C HIS B 499 36.74 -38.09 -31.36
N LEU B 500 37.03 -38.86 -32.39
CA LEU B 500 38.19 -38.57 -33.20
C LEU B 500 37.77 -37.60 -34.31
N VAL B 501 36.71 -37.93 -35.07
CA VAL B 501 36.27 -37.07 -36.17
C VAL B 501 35.88 -35.64 -35.77
N SER B 502 35.68 -35.44 -34.47
CA SER B 502 35.30 -34.15 -33.90
C SER B 502 36.42 -33.13 -33.96
N GLN B 503 37.62 -33.62 -34.22
CA GLN B 503 38.80 -32.79 -34.09
C GLN B 503 38.98 -32.10 -35.46
N VAL B 504 38.69 -32.78 -36.57
CA VAL B 504 38.65 -32.06 -37.86
C VAL B 504 37.45 -31.52 -38.67
N ILE B 505 36.21 -31.98 -38.40
CA ILE B 505 35.04 -31.56 -39.21
C ILE B 505 34.85 -30.08 -39.30
N TYR B 506 35.17 -29.42 -38.20
CA TYR B 506 34.92 -28.00 -38.10
C TYR B 506 35.98 -27.23 -38.83
N LYS B 507 36.99 -27.96 -39.30
CA LYS B 507 38.16 -27.42 -40.01
C LYS B 507 38.31 -28.00 -41.41
N VAL B 508 37.21 -28.50 -41.96
CA VAL B 508 37.24 -29.10 -43.29
C VAL B 508 36.52 -27.92 -43.96
N GLY B 509 37.23 -27.21 -44.82
CA GLY B 509 36.70 -26.05 -45.50
C GLY B 509 35.58 -26.64 -46.34
N GLY B 510 34.48 -25.91 -46.44
CA GLY B 510 33.48 -26.08 -47.48
C GLY B 510 32.54 -27.26 -47.26
N LEU B 511 32.82 -28.12 -46.28
CA LEU B 511 32.01 -29.32 -46.03
C LEU B 511 30.50 -29.05 -45.84
N PHE B 512 30.16 -28.15 -44.93
CA PHE B 512 28.75 -27.89 -44.62
C PHE B 512 27.94 -27.48 -45.85
N THR B 513 28.57 -26.71 -46.73
CA THR B 513 27.93 -26.22 -47.95
C THR B 513 27.67 -27.37 -48.89
N LYS B 514 28.57 -28.35 -48.86
CA LYS B 514 28.39 -29.59 -49.61
C LYS B 514 27.29 -30.46 -48.99
N VAL B 515 27.27 -30.55 -47.66
CA VAL B 515 26.17 -31.22 -46.99
C VAL B 515 24.83 -30.51 -47.28
N VAL B 516 24.79 -29.18 -47.21
CA VAL B 516 23.57 -28.43 -47.51
C VAL B 516 23.06 -28.70 -48.93
N ASP B 517 23.98 -28.63 -49.89
CA ASP B 517 23.64 -28.71 -51.32
C ASP B 517 23.15 -30.10 -51.70
N PHE B 518 23.73 -31.10 -51.04
CA PHE B 518 23.34 -32.48 -51.26
C PHE B 518 21.95 -32.71 -50.67
N CYS B 519 21.75 -32.25 -49.43
CA CYS B 519 20.46 -32.37 -48.75
C CYS B 519 19.35 -31.65 -49.51
N GLU B 520 19.71 -30.71 -50.37
CA GLU B 520 18.72 -30.00 -51.18
C GLU B 520 18.11 -30.87 -52.29
N LYS B 521 18.86 -31.83 -52.83
CA LYS B 521 18.34 -32.59 -53.97
C LYS B 521 18.18 -34.09 -53.72
N TYR B 522 18.91 -34.66 -52.76
CA TYR B 522 18.84 -36.10 -52.52
C TYR B 522 18.41 -36.46 -51.09
N TRP B 523 17.56 -35.67 -50.45
CA TRP B 523 17.27 -35.87 -49.03
C TRP B 523 16.40 -37.11 -48.78
N LYS B 524 15.48 -37.35 -49.69
CA LYS B 524 14.61 -38.52 -49.66
C LYS B 524 15.40 -39.84 -49.56
N GLY B 525 15.20 -40.56 -48.47
CA GLY B 525 15.87 -41.84 -48.25
C GLY B 525 17.22 -41.78 -47.55
N PHE B 526 17.86 -40.61 -47.61
CA PHE B 526 19.26 -40.43 -47.19
C PHE B 526 19.58 -40.78 -45.73
N CYS B 527 18.71 -40.37 -44.81
CA CYS B 527 18.98 -40.64 -43.41
C CYS B 527 18.79 -42.13 -43.06
N ALA B 528 17.81 -42.78 -43.68
CA ALA B 528 17.62 -44.20 -43.50
C ALA B 528 18.86 -44.95 -43.97
N GLN B 529 19.38 -44.58 -45.15
CA GLN B 529 20.58 -45.25 -45.65
C GLN B 529 21.80 -44.90 -44.79
N LEU B 530 21.85 -43.67 -44.29
CA LEU B 530 22.98 -43.26 -43.48
C LEU B 530 23.01 -44.04 -42.17
N LYS B 531 21.85 -44.51 -41.73
CA LYS B 531 21.75 -45.16 -40.42
C LYS B 531 22.26 -46.61 -40.44
N ARG B 532 22.46 -47.17 -41.64
CA ARG B 532 23.02 -48.52 -41.74
C ARG B 532 24.49 -48.46 -42.19
N ALA B 533 25.08 -47.27 -42.12
CA ALA B 533 26.47 -47.04 -42.48
C ALA B 533 27.45 -47.75 -41.55
N LYS B 534 28.58 -48.17 -42.13
CA LYS B 534 29.69 -48.73 -41.36
C LYS B 534 30.97 -48.15 -41.92
N LEU B 535 31.85 -47.62 -41.06
CA LEU B 535 33.08 -46.96 -41.50
C LEU B 535 34.23 -47.94 -41.73
N ILE B 536 35.12 -47.59 -42.67
CA ILE B 536 36.25 -48.44 -43.02
C ILE B 536 37.48 -47.57 -43.37
N VAL B 537 38.63 -47.83 -42.73
CA VAL B 537 39.82 -47.04 -43.02
C VAL B 537 41.11 -47.86 -43.20
N THR B 538 41.65 -47.83 -44.41
CA THR B 538 43.02 -48.25 -44.69
C THR B 538 43.63 -47.24 -45.65
N GLU B 539 44.92 -47.42 -45.97
CA GLU B 539 45.66 -46.50 -46.83
C GLU B 539 45.03 -46.35 -48.23
N THR B 540 44.36 -47.41 -48.68
CA THR B 540 43.75 -47.43 -50.02
C THR B 540 42.35 -46.78 -50.09
N LEU B 541 41.40 -47.25 -49.29
CA LEU B 541 40.04 -46.69 -49.37
C LEU B 541 39.42 -46.33 -48.01
N CYS B 542 38.96 -45.08 -47.91
CA CYS B 542 38.16 -44.61 -46.78
C CYS B 542 36.72 -44.50 -47.24
N VAL B 543 35.85 -45.30 -46.61
CA VAL B 543 34.51 -45.54 -47.14
C VAL B 543 33.46 -45.73 -46.01
N LEU B 544 32.19 -45.51 -46.33
CA LEU B 544 31.11 -45.94 -45.44
C LEU B 544 30.29 -46.97 -46.18
N LYS B 545 30.37 -48.23 -45.78
CA LYS B 545 29.69 -49.28 -46.51
C LYS B 545 28.17 -49.24 -46.33
N GLY B 546 27.46 -49.26 -47.45
CA GLY B 546 26.00 -49.33 -47.45
C GLY B 546 25.35 -47.98 -47.70
N VAL B 547 26.17 -46.95 -47.83
CA VAL B 547 25.71 -45.64 -48.26
C VAL B 547 26.33 -45.39 -49.62
N ALA B 548 25.54 -45.61 -50.67
CA ALA B 548 26.05 -45.51 -52.04
C ALA B 548 26.43 -44.07 -52.38
N GLN B 549 25.44 -43.18 -52.40
CA GLN B 549 25.72 -41.77 -52.55
C GLN B 549 25.64 -41.08 -51.20
N HIS B 550 26.49 -40.09 -51.01
CA HIS B 550 26.52 -39.30 -49.79
C HIS B 550 27.44 -38.09 -49.98
N CYS B 551 27.42 -37.20 -49.00
CA CYS B 551 28.02 -35.89 -49.14
C CYS B 551 29.23 -35.74 -48.24
N PHE B 552 29.83 -36.86 -47.86
CA PHE B 552 30.88 -36.80 -46.85
C PHE B 552 32.29 -37.23 -47.29
N GLN B 553 32.62 -37.23 -48.59
CA GLN B 553 33.98 -37.62 -49.04
C GLN B 553 35.07 -36.74 -48.43
N LEU B 554 34.84 -35.43 -48.43
CA LEU B 554 35.79 -34.46 -47.89
C LEU B 554 36.04 -34.63 -46.40
N LEU B 555 35.34 -35.56 -45.77
CA LEU B 555 35.57 -35.84 -44.35
C LEU B 555 36.13 -37.25 -44.23
N LEU B 556 35.87 -38.05 -45.25
CA LEU B 556 36.50 -39.36 -45.38
C LEU B 556 37.99 -39.20 -45.68
N ASP B 557 38.30 -38.26 -46.58
CA ASP B 557 39.69 -37.84 -46.82
C ASP B 557 40.32 -37.43 -45.49
N ALA B 558 39.77 -36.38 -44.89
CA ALA B 558 40.27 -35.84 -43.62
C ALA B 558 40.44 -36.91 -42.54
N ILE B 559 39.61 -37.94 -42.58
CA ILE B 559 39.77 -39.06 -41.65
C ILE B 559 41.03 -39.86 -41.98
N GLN B 560 41.30 -40.08 -43.27
CA GLN B 560 42.46 -40.88 -43.71
C GLN B 560 43.80 -40.18 -43.48
N PHE B 561 43.83 -38.87 -43.67
CA PHE B 561 44.97 -38.01 -43.30
C PHE B 561 45.29 -38.19 -41.81
N MET B 562 44.24 -38.27 -41.00
CA MET B 562 44.34 -38.49 -39.56
C MET B 562 44.68 -39.96 -39.25
N TYR B 563 44.42 -40.81 -40.24
CA TYR B 563 44.75 -42.23 -40.15
C TYR B 563 46.27 -42.44 -40.23
N LYS B 564 47.01 -41.38 -40.56
CA LYS B 564 48.48 -41.40 -40.61
C LYS B 564 49.46 -41.49 -39.42
N SER B 565 48.90 -41.50 -38.22
CA SER B 565 49.70 -41.62 -37.03
C SER B 565 49.49 -42.99 -36.41
N PHE B 566 50.15 -43.17 -35.27
CA PHE B 566 50.09 -44.37 -34.45
C PHE B 566 50.19 -45.84 -34.76
N ARG B 567 51.05 -46.16 -35.72
CA ARG B 567 51.22 -47.52 -36.16
C ARG B 567 51.88 -48.85 -35.93
N LYS B 568 51.17 -49.65 -35.16
CA LYS B 568 51.39 -51.06 -34.99
C LYS B 568 50.11 -51.54 -35.61
N CYS B 569 50.21 -51.93 -36.87
CA CYS B 569 49.10 -52.30 -37.71
C CYS B 569 49.36 -53.75 -37.38
N ALA B 570 48.76 -54.21 -36.29
CA ALA B 570 48.82 -55.59 -35.86
C ALA B 570 47.83 -56.39 -36.68
N LEU B 571 46.58 -55.98 -36.62
CA LEU B 571 45.60 -56.47 -37.55
C LEU B 571 45.74 -55.27 -38.48
N GLY B 572 45.66 -54.07 -37.92
CA GLY B 572 45.59 -52.88 -38.70
C GLY B 572 45.73 -51.82 -37.62
N ARG B 573 45.84 -50.56 -38.00
CA ARG B 573 46.17 -49.53 -37.07
C ARG B 573 45.37 -49.03 -35.86
N ILE B 574 46.04 -48.53 -34.83
CA ILE B 574 45.37 -48.28 -33.56
C ILE B 574 45.54 -46.92 -32.90
N HIS B 575 44.46 -46.44 -32.28
CA HIS B 575 44.45 -45.22 -31.49
C HIS B 575 43.86 -45.54 -30.15
N GLY B 576 43.95 -44.63 -29.20
CA GLY B 576 43.77 -45.03 -27.82
C GLY B 576 42.53 -45.89 -27.99
N ASP B 577 42.60 -47.15 -27.59
CA ASP B 577 41.44 -48.04 -27.46
C ASP B 577 40.47 -48.48 -28.56
N LEU B 578 41.00 -48.85 -29.71
CA LEU B 578 40.12 -49.09 -30.82
C LEU B 578 41.11 -49.71 -31.77
N LEU B 579 40.48 -50.33 -32.75
CA LEU B 579 41.01 -50.79 -34.02
C LEU B 579 41.35 -50.54 -35.49
N PHE B 580 40.39 -50.11 -36.28
CA PHE B 580 40.56 -50.09 -37.70
C PHE B 580 41.16 -51.03 -38.71
N TRP B 581 40.92 -52.29 -38.50
CA TRP B 581 41.11 -53.36 -39.45
C TRP B 581 40.33 -53.37 -40.75
N LYS B 582 40.64 -54.30 -41.65
CA LYS B 582 40.03 -54.29 -42.99
C LYS B 582 38.50 -54.50 -42.93
N GLY B 583 38.01 -54.87 -41.73
CA GLY B 583 36.58 -54.98 -41.47
C GLY B 583 35.69 -54.00 -40.71
N GLY B 584 36.26 -52.96 -40.12
CA GLY B 584 35.49 -51.90 -39.48
C GLY B 584 36.30 -51.38 -38.31
N VAL B 585 35.66 -50.61 -37.42
CA VAL B 585 36.33 -50.09 -36.21
C VAL B 585 35.64 -50.59 -34.95
N HIS B 586 36.41 -51.14 -34.00
CA HIS B 586 35.79 -51.80 -32.84
C HIS B 586 36.62 -51.91 -31.56
N LYS B 587 35.91 -52.12 -30.45
CA LYS B 587 36.48 -52.27 -29.12
C LYS B 587 35.46 -53.42 -29.24
N ILE B 588 35.82 -54.58 -28.66
CA ILE B 588 35.01 -55.83 -28.73
C ILE B 588 34.09 -55.95 -27.51
N ILE B 589 32.83 -55.55 -27.63
CA ILE B 589 31.91 -55.64 -26.46
C ILE B 589 30.55 -56.20 -26.87
N GLN B 590 29.49 -55.48 -26.51
CA GLN B 590 28.07 -55.88 -26.74
C GLN B 590 27.71 -56.37 -28.15
N GLU B 591 27.48 -57.69 -28.24
CA GLU B 591 27.03 -58.55 -29.38
C GLU B 591 26.90 -60.00 -28.92
N GLY B 592 26.30 -60.87 -29.74
CA GLY B 592 26.03 -62.26 -29.32
C GLY B 592 26.95 -63.33 -29.88
N ASP B 593 27.37 -64.26 -29.00
CA ASP B 593 28.27 -65.40 -29.32
C ASP B 593 29.56 -64.85 -29.93
N GLU B 594 30.10 -63.77 -29.35
CA GLU B 594 31.33 -63.04 -29.80
C GLU B 594 31.12 -62.36 -31.16
N ILE B 595 32.21 -61.95 -31.79
CA ILE B 595 32.08 -61.30 -33.13
C ILE B 595 33.34 -61.62 -33.93
N TRP B 596 33.15 -61.81 -35.24
CA TRP B 596 34.20 -62.14 -36.23
C TRP B 596 35.51 -61.41 -35.90
#